data_2J0Y
#
_entry.id   2J0Y
#
_cell.length_a   96.080
_cell.length_b   96.080
_cell.length_c   140.980
_cell.angle_alpha   90.00
_cell.angle_beta   90.00
_cell.angle_gamma   120.00
#
_symmetry.space_group_name_H-M   'P 32'
#
loop_
_entity.id
_entity.type
_entity.pdbx_description
1 polymer FICOLIN-2
2 branched beta-D-mannopyranose-(1-4)-2-acetamido-2-deoxy-beta-D-glucopyranose-(1-4)-2-acetamido-2-deoxy-beta-D-glucopyranose
3 branched beta-D-glucopyranose-(1-3)-beta-D-glucopyranose-(1-3)-beta-D-glucopyranose-(1-3)-beta-D-glucopyranose
4 non-polymer 'ACETATE ION'
5 non-polymer 'CALCIUM ION'
6 non-polymer 2-acetamido-2-deoxy-beta-D-glucopyranose
7 non-polymer beta-D-glucopyranose
8 water water
#
_entity_poly.entity_id   1
_entity_poly.type   'polypeptide(L)'
_entity_poly.pdbx_seq_one_letter_code
;NPCLTGPRTCKDLLDRGHFLSGWHTIYLPDCRPLTVLCDMDTDGGGWTVFQRRVDGSVDFYRDWATYKQGFGSRLGEFWL
GNDNIHALTAQGTSELRTDLVDFEDNYQFAKYRSFKVADEAEKYNLVLGAFVEGSAGDSLTFHNNQSFSTKDQDNDLNTG
NCAVMFQGAWWYKNCHTSNLNGRYLRGTHGSFANGINWKSGKGYNYSYKVSEMKVRPA
;
_entity_poly.pdbx_strand_id   A,B,C,D,E,F
#
# COMPACT_ATOMS: atom_id res chain seq x y z
N THR A 5 -27.39 35.93 34.81
CA THR A 5 -27.62 34.45 34.84
C THR A 5 -26.51 33.64 34.12
N GLY A 6 -26.35 33.85 32.82
CA GLY A 6 -25.39 33.08 32.01
C GLY A 6 -25.09 33.81 30.71
N PRO A 7 -24.25 33.23 29.83
CA PRO A 7 -23.79 33.96 28.64
C PRO A 7 -24.91 34.42 27.71
N ARG A 8 -24.97 35.73 27.46
CA ARG A 8 -25.96 36.30 26.57
C ARG A 8 -25.41 36.31 25.16
N THR A 9 -24.10 36.44 25.04
CA THR A 9 -23.46 36.70 23.74
C THR A 9 -22.12 35.99 23.66
N CYS A 10 -21.55 35.98 22.45
CA CYS A 10 -20.22 35.43 22.25
C CYS A 10 -19.17 36.29 22.97
N LYS A 11 -19.45 37.58 23.10
CA LYS A 11 -18.57 38.48 23.85
C LYS A 11 -18.48 38.10 25.32
N ASP A 12 -19.61 37.73 25.92
CA ASP A 12 -19.64 37.21 27.29
C ASP A 12 -18.73 35.99 27.40
N LEU A 13 -18.85 35.09 26.43
CA LEU A 13 -18.06 33.86 26.42
C LEU A 13 -16.57 34.16 26.34
N LEU A 14 -16.20 35.08 25.46
CA LEU A 14 -14.82 35.49 25.34
C LEU A 14 -14.31 36.07 26.67
N ASP A 15 -15.11 36.91 27.32
CA ASP A 15 -14.72 37.49 28.61
C ASP A 15 -14.64 36.43 29.69
N ARG A 16 -15.34 35.32 29.50
CA ARG A 16 -15.24 34.24 30.47
C ARG A 16 -14.11 33.23 30.16
N GLY A 17 -13.29 33.54 29.16
CA GLY A 17 -12.10 32.76 28.83
C GLY A 17 -12.27 31.68 27.78
N HIS A 18 -13.24 31.86 26.87
CA HIS A 18 -13.37 30.96 25.72
C HIS A 18 -12.66 31.56 24.51
N PHE A 19 -11.44 31.11 24.24
CA PHE A 19 -10.60 31.76 23.23
C PHE A 19 -10.62 31.15 21.84
N LEU A 20 -11.21 29.98 21.71
CA LEU A 20 -11.31 29.29 20.42
C LEU A 20 -12.68 29.54 19.79
N SER A 21 -12.67 29.87 18.51
CA SER A 21 -13.90 30.00 17.77
C SER A 21 -14.59 28.64 17.74
N GLY A 22 -15.92 28.66 17.67
CA GLY A 22 -16.67 27.43 17.71
C GLY A 22 -18.09 27.66 18.16
N TRP A 23 -18.85 26.57 18.19
CA TRP A 23 -20.26 26.60 18.54
C TRP A 23 -20.44 26.53 20.05
N HIS A 24 -21.09 27.54 20.61
CA HIS A 24 -21.38 27.57 22.04
C HIS A 24 -22.85 27.91 22.16
N THR A 25 -23.44 27.51 23.27
CA THR A 25 -24.81 27.94 23.52
C THR A 25 -24.87 29.22 24.36
N ILE A 26 -25.75 30.14 23.95
CA ILE A 26 -25.96 31.38 24.67
C ILE A 26 -27.43 31.50 24.98
N TYR A 27 -27.78 32.49 25.80
CA TYR A 27 -29.17 32.73 26.14
C TYR A 27 -29.64 34.07 25.59
N LEU A 28 -30.71 34.03 24.80
CA LEU A 28 -31.29 35.24 24.25
C LEU A 28 -32.12 35.98 25.31
N PRO A 29 -32.47 37.26 25.05
CA PRO A 29 -33.24 38.02 26.05
C PRO A 29 -34.59 37.34 26.36
N ASP A 30 -35.00 36.43 25.47
CA ASP A 30 -36.12 35.51 25.67
C ASP A 30 -35.82 34.53 26.82
N CYS A 31 -34.53 34.27 27.02
CA CYS A 31 -34.03 33.22 27.92
C CYS A 31 -34.01 31.86 27.23
N ARG A 32 -34.36 31.85 25.95
CA ARG A 32 -34.30 30.65 25.14
C ARG A 32 -32.86 30.38 24.74
N PRO A 33 -32.38 29.14 24.95
CA PRO A 33 -31.02 28.76 24.57
C PRO A 33 -30.86 28.69 23.05
N LEU A 34 -29.65 28.94 22.57
CA LEU A 34 -29.34 28.87 21.16
C LEU A 34 -27.85 28.62 21.03
N THR A 35 -27.49 27.58 20.29
CA THR A 35 -26.10 27.30 19.95
C THR A 35 -25.73 28.14 18.74
N VAL A 36 -24.69 28.94 18.92
CA VAL A 36 -24.22 29.86 17.88
C VAL A 36 -22.73 29.66 17.62
N LEU A 37 -22.29 30.13 16.46
CA LEU A 37 -20.89 30.10 16.10
C LEU A 37 -20.26 31.39 16.58
N CYS A 38 -19.29 31.26 17.49
CA CYS A 38 -18.57 32.40 18.01
C CYS A 38 -17.26 32.58 17.24
N ASP A 39 -17.02 33.77 16.71
CA ASP A 39 -15.72 34.07 16.11
C ASP A 39 -14.87 34.80 17.16
N MET A 40 -13.91 34.09 17.72
CA MET A 40 -13.09 34.61 18.81
C MET A 40 -11.77 35.14 18.27
N ASP A 41 -11.57 34.99 16.96
CA ASP A 41 -10.27 35.24 16.33
C ASP A 41 -10.20 36.60 15.64
N THR A 42 -11.31 37.06 15.05
CA THR A 42 -11.28 38.24 14.15
C THR A 42 -11.53 39.56 14.86
N ASP A 43 -10.69 40.55 14.58
CA ASP A 43 -10.92 41.91 15.06
C ASP A 43 -11.23 41.95 16.56
N GLY A 44 -10.42 41.27 17.36
CA GLY A 44 -10.65 41.24 18.81
C GLY A 44 -11.56 40.10 19.27
N GLY A 45 -12.34 39.52 18.37
CA GLY A 45 -13.22 38.40 18.70
C GLY A 45 -14.48 38.76 19.47
N GLY A 46 -15.29 37.76 19.80
CA GLY A 46 -16.54 37.98 20.49
C GLY A 46 -17.70 38.24 19.55
N TRP A 47 -17.55 37.79 18.30
CA TRP A 47 -18.56 37.95 17.26
C TRP A 47 -19.44 36.72 17.20
N THR A 48 -20.74 36.94 17.02
CA THR A 48 -21.67 35.86 16.76
C THR A 48 -21.90 35.85 15.26
N VAL A 49 -21.62 34.73 14.62
CA VAL A 49 -21.71 34.61 13.17
C VAL A 49 -23.10 34.12 12.79
N PHE A 50 -23.81 34.87 11.97
CA PHE A 50 -25.16 34.46 11.60
C PHE A 50 -25.23 34.02 10.14
N GLN A 51 -24.15 34.23 9.40
CA GLN A 51 -24.08 33.76 8.02
C GLN A 51 -22.67 33.26 7.67
N ARG A 52 -22.58 32.15 6.94
CA ARG A 52 -21.28 31.63 6.53
C ARG A 52 -21.39 30.84 5.23
N ARG A 53 -20.55 31.23 4.27
CA ARG A 53 -20.38 30.52 3.00
C ARG A 53 -18.91 30.16 2.93
N VAL A 54 -18.61 28.95 2.46
CA VAL A 54 -17.22 28.51 2.48
C VAL A 54 -16.84 27.49 1.40
N ASP A 55 -17.81 26.81 0.79
CA ASP A 55 -17.50 25.76 -0.19
C ASP A 55 -18.64 25.44 -1.15
N GLY A 56 -19.76 26.12 -1.01
CA GLY A 56 -20.89 25.91 -1.90
C GLY A 56 -21.66 24.61 -1.69
N SER A 57 -21.47 23.97 -0.54
CA SER A 57 -22.12 22.69 -0.27
C SER A 57 -23.58 22.85 0.13
N VAL A 58 -23.99 24.06 0.50
CA VAL A 58 -25.36 24.30 0.92
C VAL A 58 -26.10 25.22 -0.06
N ASP A 59 -27.31 24.82 -0.42
CA ASP A 59 -28.21 25.61 -1.25
C ASP A 59 -28.76 26.79 -0.44
N PHE A 60 -28.49 28.01 -0.89
CA PHE A 60 -28.97 29.20 -0.20
C PHE A 60 -30.15 29.83 -0.93
N TYR A 61 -30.57 29.20 -2.02
CA TYR A 61 -31.70 29.67 -2.79
C TYR A 61 -32.98 29.10 -2.21
N ARG A 62 -33.37 29.63 -1.04
CA ARG A 62 -34.42 29.03 -0.21
C ARG A 62 -35.60 29.95 0.01
N ASP A 63 -36.70 29.38 0.49
CA ASP A 63 -37.95 30.12 0.65
C ASP A 63 -38.02 30.86 1.99
N TRP A 64 -39.09 31.62 2.16
CA TRP A 64 -39.28 32.45 3.35
C TRP A 64 -39.21 31.69 4.67
N ALA A 65 -39.95 30.58 4.75
CA ALA A 65 -40.03 29.76 5.97
C ALA A 65 -38.67 29.23 6.38
N THR A 66 -37.83 28.93 5.38
CA THR A 66 -36.51 28.35 5.62
C THR A 66 -35.55 29.41 6.14
N TYR A 67 -35.56 30.58 5.52
CA TYR A 67 -34.78 31.69 6.03
C TYR A 67 -35.25 32.13 7.42
N LYS A 68 -36.54 32.01 7.67
CA LYS A 68 -37.11 32.37 8.96
C LYS A 68 -36.52 31.54 10.10
N GLN A 69 -36.48 30.22 9.92
CA GLN A 69 -36.03 29.31 10.98
C GLN A 69 -34.52 29.01 11.00
N GLY A 70 -33.84 29.29 9.89
CA GLY A 70 -32.42 28.98 9.76
C GLY A 70 -32.23 27.66 9.04
N PHE A 71 -31.06 27.47 8.44
CA PHE A 71 -30.79 26.27 7.67
C PHE A 71 -29.29 26.15 7.46
N GLY A 72 -28.84 24.95 7.10
CA GLY A 72 -27.43 24.71 6.86
C GLY A 72 -26.87 23.78 7.90
N SER A 73 -25.58 23.92 8.16
CA SER A 73 -24.85 22.98 9.00
C SER A 73 -23.81 23.66 9.87
N ARG A 74 -23.69 23.20 11.11
CA ARG A 74 -22.66 23.69 12.00
C ARG A 74 -21.27 23.29 11.49
N LEU A 75 -21.24 22.28 10.63
CA LEU A 75 -19.98 21.79 10.08
C LEU A 75 -19.49 22.65 8.91
N GLY A 76 -20.33 23.59 8.45
CA GLY A 76 -19.97 24.34 7.26
C GLY A 76 -20.76 25.61 7.05
N GLU A 77 -21.60 25.61 6.03
CA GLU A 77 -22.34 26.81 5.63
C GLU A 77 -23.69 26.83 6.32
N PHE A 78 -24.17 28.03 6.65
CA PHE A 78 -25.45 28.17 7.31
C PHE A 78 -25.96 29.60 7.26
N TRP A 79 -27.26 29.74 7.47
CA TRP A 79 -27.91 31.00 7.78
C TRP A 79 -28.59 30.75 9.12
N LEU A 80 -28.32 31.60 10.12
CA LEU A 80 -28.78 31.34 11.49
C LEU A 80 -30.30 31.37 11.67
N GLY A 81 -30.99 32.11 10.80
CA GLY A 81 -32.43 32.22 10.87
C GLY A 81 -32.84 33.62 11.23
N ASN A 82 -33.81 34.15 10.50
CA ASN A 82 -34.23 35.54 10.69
C ASN A 82 -34.83 35.82 12.07
N ASP A 83 -35.59 34.86 12.61
CA ASP A 83 -36.13 34.99 13.97
C ASP A 83 -34.99 35.09 14.99
N ASN A 84 -33.96 34.27 14.82
CA ASN A 84 -32.82 34.29 15.72
C ASN A 84 -32.02 35.58 15.61
N ILE A 85 -31.85 36.04 14.37
CA ILE A 85 -31.09 37.25 14.11
C ILE A 85 -31.82 38.45 14.73
N HIS A 86 -33.14 38.47 14.58
CA HIS A 86 -33.93 39.49 15.25
C HIS A 86 -33.75 39.43 16.77
N ALA A 87 -33.94 38.25 17.35
CA ALA A 87 -33.80 38.10 18.80
C ALA A 87 -32.42 38.58 19.26
N LEU A 88 -31.43 38.26 18.43
CA LEU A 88 -30.04 38.48 18.71
C LEU A 88 -29.72 39.96 18.82
N THR A 89 -30.32 40.76 17.93
CA THR A 89 -29.94 42.14 17.74
C THR A 89 -30.82 43.14 18.51
N SER A 94 -25.36 46.87 19.06
CA SER A 94 -24.87 45.67 18.35
C SER A 94 -24.42 45.95 16.91
N GLU A 95 -23.12 45.76 16.66
CA GLU A 95 -22.51 46.16 15.38
C GLU A 95 -22.35 44.99 14.41
N LEU A 96 -22.23 45.31 13.13
CA LEU A 96 -22.16 44.31 12.07
C LEU A 96 -20.77 44.30 11.43
N ARG A 97 -20.28 43.11 11.14
CA ARG A 97 -19.06 42.97 10.36
C ARG A 97 -19.29 41.92 9.29
N THR A 98 -18.93 42.25 8.05
CA THR A 98 -18.99 41.32 6.94
C THR A 98 -17.56 41.03 6.52
N ASP A 99 -17.18 39.76 6.53
CA ASP A 99 -15.85 39.36 6.09
C ASP A 99 -15.97 38.58 4.79
N LEU A 100 -15.05 38.86 3.87
CA LEU A 100 -15.08 38.31 2.53
C LEU A 100 -13.70 37.91 2.07
N VAL A 101 -13.58 36.72 1.47
CA VAL A 101 -12.31 36.24 0.94
C VAL A 101 -12.47 35.79 -0.50
N ASP A 102 -11.62 36.29 -1.39
CA ASP A 102 -11.65 35.84 -2.77
C ASP A 102 -10.73 34.63 -3.01
N PHE A 103 -10.69 34.13 -4.25
CA PHE A 103 -9.97 32.90 -4.50
C PHE A 103 -8.45 33.06 -4.60
N GLU A 104 -7.97 34.30 -4.52
CA GLU A 104 -6.53 34.58 -4.47
C GLU A 104 -6.07 34.79 -3.03
N ASP A 105 -6.98 34.52 -2.09
CA ASP A 105 -6.72 34.65 -0.65
C ASP A 105 -6.68 36.09 -0.15
N ASN A 106 -7.06 37.02 -1.01
CA ASN A 106 -7.19 38.41 -0.59
C ASN A 106 -8.33 38.60 0.41
N TYR A 107 -8.06 39.37 1.46
CA TYR A 107 -9.00 39.65 2.53
C TYR A 107 -9.67 41.01 2.37
N GLN A 108 -10.99 41.03 2.56
CA GLN A 108 -11.76 42.27 2.40
C GLN A 108 -12.93 42.28 3.37
N PHE A 109 -13.13 43.40 4.07
CA PHE A 109 -14.18 43.48 5.09
C PHE A 109 -14.95 44.80 5.04
N ALA A 110 -16.08 44.86 5.74
CA ALA A 110 -16.81 46.10 5.98
C ALA A 110 -17.46 46.08 7.37
N LYS A 111 -17.47 47.22 8.04
CA LYS A 111 -17.98 47.28 9.40
C LYS A 111 -19.02 48.38 9.56
N TYR A 112 -20.20 47.98 10.04
CA TYR A 112 -21.25 48.95 10.34
C TYR A 112 -21.41 49.14 11.86
N ARG A 113 -21.64 50.37 12.27
CA ARG A 113 -21.65 50.69 13.69
C ARG A 113 -22.86 50.12 14.42
N SER A 114 -23.94 49.88 13.68
CA SER A 114 -25.07 49.20 14.28
C SER A 114 -25.79 48.40 13.22
N PHE A 115 -26.53 47.39 13.65
CA PHE A 115 -27.21 46.50 12.74
C PHE A 115 -28.33 45.82 13.51
N LYS A 116 -29.53 45.91 12.97
CA LYS A 116 -30.70 45.34 13.62
C LYS A 116 -31.63 44.87 12.52
N VAL A 117 -32.21 43.68 12.68
CA VAL A 117 -33.33 43.32 11.82
C VAL A 117 -34.60 43.28 12.68
N ALA A 118 -35.68 43.85 12.14
CA ALA A 118 -36.98 43.84 12.81
C ALA A 118 -37.57 42.43 12.81
N ASP A 119 -38.78 42.28 13.36
CA ASP A 119 -39.40 40.96 13.48
C ASP A 119 -40.15 40.61 12.20
N GLU A 120 -40.80 39.44 12.17
CA GLU A 120 -41.43 38.95 10.94
C GLU A 120 -42.56 39.85 10.47
N ALA A 121 -43.25 40.48 11.41
CA ALA A 121 -44.34 41.37 11.09
C ALA A 121 -43.82 42.54 10.25
N GLU A 122 -42.62 43.01 10.56
CA GLU A 122 -42.00 44.02 9.71
C GLU A 122 -41.14 43.37 8.63
N LYS A 123 -41.47 42.13 8.28
CA LYS A 123 -40.76 41.38 7.24
C LYS A 123 -39.23 41.36 7.42
N TYR A 124 -38.79 41.39 8.68
CA TYR A 124 -37.36 41.41 9.02
C TYR A 124 -36.63 42.63 8.45
N ASN A 125 -37.38 43.69 8.20
CA ASN A 125 -36.82 44.97 7.78
C ASN A 125 -35.40 45.22 8.32
N LEU A 126 -34.48 45.54 7.41
CA LEU A 126 -33.12 45.88 7.77
C LEU A 126 -33.01 47.34 8.22
N VAL A 127 -32.58 47.54 9.46
CA VAL A 127 -32.17 48.87 9.88
C VAL A 127 -30.70 48.84 10.27
N LEU A 128 -29.89 49.46 9.41
CA LEU A 128 -28.45 49.34 9.46
C LEU A 128 -27.79 50.65 9.87
N GLY A 129 -26.73 50.57 10.66
CA GLY A 129 -26.00 51.77 11.06
C GLY A 129 -25.00 52.25 10.02
N ALA A 130 -24.31 53.35 10.35
CA ALA A 130 -23.32 53.94 9.46
C ALA A 130 -22.16 53.02 9.14
N PHE A 131 -21.67 53.10 7.91
CA PHE A 131 -20.45 52.42 7.51
C PHE A 131 -19.31 52.99 8.36
N VAL A 132 -18.46 52.11 8.90
CA VAL A 132 -17.36 52.55 9.75
C VAL A 132 -16.04 52.59 8.99
N GLU A 133 -15.67 51.43 8.42
CA GLU A 133 -14.48 51.28 7.62
C GLU A 133 -14.65 49.97 6.87
N GLY A 134 -13.72 49.65 5.98
CA GLY A 134 -13.76 48.37 5.30
C GLY A 134 -13.24 48.41 3.88
N SER A 135 -12.19 47.62 3.62
CA SER A 135 -11.66 47.49 2.27
C SER A 135 -12.71 47.02 1.27
N ALA A 136 -13.78 46.40 1.74
CA ALA A 136 -14.87 46.02 0.87
C ALA A 136 -15.69 47.21 0.38
N GLY A 137 -15.75 48.27 1.18
CA GLY A 137 -16.54 49.45 0.85
C GLY A 137 -18.02 49.24 1.19
N ASP A 138 -18.72 50.36 1.39
CA ASP A 138 -20.14 50.29 1.77
C ASP A 138 -21.03 49.70 0.67
N SER A 139 -21.78 48.66 1.05
CA SER A 139 -22.63 48.00 0.06
C SER A 139 -23.89 47.38 0.67
N LEU A 140 -24.29 47.90 1.83
CA LEU A 140 -25.48 47.41 2.53
C LEU A 140 -26.42 48.54 2.98
N THR A 141 -25.87 49.73 3.24
CA THR A 141 -26.69 50.90 3.58
C THR A 141 -27.78 51.12 2.53
N PHE A 142 -27.32 50.94 1.23
CA PHE A 142 -28.17 51.07 0.07
C PHE A 142 -29.37 50.10 0.10
N HIS A 143 -29.32 49.14 1.06
CA HIS A 143 -30.41 48.18 1.24
C HIS A 143 -31.19 48.46 2.52
N ASN A 144 -30.77 49.50 3.24
CA ASN A 144 -31.39 49.87 4.49
C ASN A 144 -32.86 50.26 4.31
N ASN A 145 -33.65 49.94 5.34
CA ASN A 145 -35.07 50.27 5.34
C ASN A 145 -35.80 49.49 4.25
N GLN A 146 -35.35 48.25 4.04
CA GLN A 146 -35.97 47.38 3.08
C GLN A 146 -36.31 46.06 3.74
N SER A 147 -37.50 45.54 3.43
CA SER A 147 -37.91 44.24 3.93
C SER A 147 -36.92 43.21 3.43
N PHE A 148 -37.03 41.99 3.96
CA PHE A 148 -36.27 40.87 3.43
C PHE A 148 -37.14 40.20 2.38
N SER A 149 -36.49 39.62 1.35
CA SER A 149 -37.25 38.98 0.26
C SER A 149 -36.69 37.61 -0.15
N THR A 150 -37.58 36.63 -0.26
CA THR A 150 -37.21 35.32 -0.74
C THR A 150 -38.02 35.03 -1.99
N LYS A 151 -37.58 34.03 -2.74
CA LYS A 151 -38.18 33.66 -4.03
C LYS A 151 -39.69 33.56 -3.97
N ASP A 152 -40.23 33.29 -2.77
CA ASP A 152 -41.67 33.29 -2.58
C ASP A 152 -42.19 34.52 -1.83
N GLN A 153 -41.55 35.68 -2.03
CA GLN A 153 -42.06 36.99 -1.55
C GLN A 153 -41.44 38.19 -2.30
N ASP A 154 -42.18 38.77 -3.25
CA ASP A 154 -41.76 39.96 -4.02
C ASP A 154 -41.31 41.09 -3.08
N ASN A 155 -40.60 42.09 -3.65
CA ASN A 155 -40.18 43.30 -2.90
C ASN A 155 -39.08 44.11 -3.63
N ASP A 156 -39.49 45.14 -4.36
CA ASP A 156 -38.60 45.85 -5.29
C ASP A 156 -37.85 47.01 -4.64
N CYS A 162 -36.28 39.89 -8.17
CA CYS A 162 -34.96 40.02 -7.54
C CYS A 162 -34.48 38.65 -7.07
N ALA A 163 -35.03 38.23 -5.92
CA ALA A 163 -34.66 36.95 -5.35
C ALA A 163 -34.49 35.90 -6.45
N VAL A 164 -35.42 35.87 -7.41
CA VAL A 164 -35.32 34.93 -8.51
C VAL A 164 -34.28 35.38 -9.53
N MET A 165 -34.26 36.68 -9.82
CA MET A 165 -33.32 37.26 -10.76
C MET A 165 -31.87 36.88 -10.44
N PHE A 166 -31.41 37.25 -9.24
CA PHE A 166 -30.04 36.95 -8.83
C PHE A 166 -29.92 35.75 -7.87
N GLN A 167 -30.99 34.94 -7.83
CA GLN A 167 -30.96 33.65 -7.14
C GLN A 167 -30.42 33.69 -5.71
N GLY A 168 -31.24 34.21 -4.79
CA GLY A 168 -30.84 34.32 -3.38
C GLY A 168 -31.93 34.95 -2.52
N ALA A 169 -31.54 35.58 -1.42
CA ALA A 169 -32.48 36.20 -0.52
C ALA A 169 -31.79 37.33 0.21
N TRP A 170 -32.38 38.52 0.15
CA TRP A 170 -31.71 39.70 0.62
C TRP A 170 -32.76 40.79 0.83
N TRP A 171 -32.38 41.87 1.50
CA TRP A 171 -33.28 43.01 1.69
C TRP A 171 -33.40 43.79 0.38
N TYR A 172 -33.87 43.11 -0.66
CA TYR A 172 -33.88 43.67 -2.01
C TYR A 172 -34.69 44.97 -2.07
N ASN A 174 -33.79 47.90 -5.34
CA ASN A 174 -34.32 47.59 -6.70
C ASN A 174 -33.24 47.19 -7.77
N CYS A 175 -32.58 46.04 -7.57
CA CYS A 175 -32.75 45.29 -6.32
C CYS A 175 -31.52 45.27 -5.39
N HIS A 176 -30.31 44.97 -5.92
CA HIS A 176 -29.14 44.95 -5.00
C HIS A 176 -27.79 45.61 -5.40
N THR A 177 -26.97 45.89 -4.35
CA THR A 177 -25.53 46.13 -4.51
C THR A 177 -24.61 45.09 -3.78
N SER A 178 -25.22 44.22 -2.94
CA SER A 178 -24.58 43.02 -2.35
C SER A 178 -25.56 41.86 -2.42
N ASN A 179 -25.06 40.63 -2.42
CA ASN A 179 -25.90 39.46 -2.66
C ASN A 179 -25.26 38.22 -2.03
N LEU A 180 -24.93 38.33 -0.76
CA LEU A 180 -24.11 37.33 -0.08
C LEU A 180 -24.77 35.96 0.08
N ASN A 181 -26.09 35.91 -0.07
CA ASN A 181 -26.83 34.65 -0.08
C ASN A 181 -27.10 34.19 -1.51
N GLY A 182 -26.30 34.69 -2.45
CA GLY A 182 -26.40 34.33 -3.87
C GLY A 182 -25.75 32.98 -4.17
N ARG A 183 -25.67 32.61 -5.44
CA ARG A 183 -25.17 31.29 -5.80
C ARG A 183 -23.67 31.20 -5.56
N TYR A 184 -23.18 30.00 -5.24
CA TYR A 184 -21.75 29.81 -5.02
C TYR A 184 -21.06 29.55 -6.35
N LEU A 185 -20.71 30.62 -7.06
CA LEU A 185 -20.28 30.52 -8.45
C LEU A 185 -18.76 30.40 -8.66
N ARG A 186 -17.99 30.49 -7.58
CA ARG A 186 -16.53 30.23 -7.67
C ARG A 186 -15.73 31.21 -8.53
N GLY A 195 -24.17 35.79 -8.10
CA GLY A 195 -23.27 35.05 -7.24
C GLY A 195 -23.13 35.71 -5.89
N ILE A 196 -22.12 35.28 -5.13
CA ILE A 196 -21.85 35.88 -3.83
C ILE A 196 -21.08 37.17 -4.08
N ASN A 197 -21.84 38.21 -4.39
CA ASN A 197 -21.28 39.46 -4.92
C ASN A 197 -21.35 40.60 -3.92
N TRP A 198 -20.34 41.47 -4.00
CA TRP A 198 -20.27 42.69 -3.21
C TRP A 198 -19.74 43.73 -4.18
N LYS A 199 -20.63 44.58 -4.70
CA LYS A 199 -20.27 45.47 -5.81
C LYS A 199 -18.98 46.25 -5.58
N SER A 200 -18.91 46.98 -4.47
CA SER A 200 -17.72 47.78 -4.16
C SER A 200 -16.49 46.90 -3.94
N GLY A 201 -16.70 45.59 -3.75
CA GLY A 201 -15.59 44.68 -3.54
C GLY A 201 -15.02 44.17 -4.86
N ASN A 205 -19.81 40.34 -10.82
CA ASN A 205 -19.44 39.21 -11.67
C ASN A 205 -18.43 38.23 -11.02
N TYR A 206 -17.97 38.60 -9.80
CA TYR A 206 -17.04 37.79 -9.04
C TYR A 206 -17.63 37.25 -7.72
N SER A 207 -17.62 35.93 -7.57
CA SER A 207 -18.22 35.25 -6.42
C SER A 207 -17.13 34.79 -5.44
N TYR A 208 -17.19 35.25 -4.19
CA TYR A 208 -16.13 35.02 -3.21
C TYR A 208 -16.00 33.55 -2.75
N LYS A 209 -14.81 33.18 -2.28
CA LYS A 209 -14.59 31.85 -1.72
C LYS A 209 -15.22 31.71 -0.35
N VAL A 210 -15.03 32.76 0.47
CA VAL A 210 -15.53 32.74 1.82
C VAL A 210 -16.28 34.03 2.09
N SER A 211 -17.43 33.89 2.75
CA SER A 211 -18.21 35.01 3.19
C SER A 211 -18.69 34.75 4.62
N GLU A 212 -18.58 35.76 5.49
CA GLU A 212 -19.10 35.64 6.85
C GLU A 212 -19.75 36.93 7.33
N MET A 213 -20.94 36.83 7.90
CA MET A 213 -21.62 37.96 8.51
C MET A 213 -21.74 37.71 10.02
N LYS A 214 -21.31 38.69 10.83
CA LYS A 214 -21.23 38.51 12.27
C LYS A 214 -21.56 39.76 13.10
N VAL A 215 -22.01 39.53 14.34
CA VAL A 215 -22.39 40.64 15.22
C VAL A 215 -21.70 40.61 16.58
N ARG A 216 -21.60 41.79 17.19
CA ARG A 216 -20.97 41.94 18.49
C ARG A 216 -21.56 43.16 19.16
N PRO A 217 -21.81 43.08 20.48
CA PRO A 217 -22.41 44.20 21.18
C PRO A 217 -21.80 45.50 20.71
N ALA A 218 -22.66 46.49 20.44
CA ALA A 218 -22.28 47.71 19.74
C ALA A 218 -20.77 47.94 19.75
N ASN B 1 -32.24 11.54 35.54
CA ASN B 1 -33.59 11.99 35.06
C ASN B 1 -33.68 12.36 33.57
N PRO B 2 -32.52 12.63 32.92
CA PRO B 2 -32.48 13.20 31.58
C PRO B 2 -33.00 12.29 30.47
N CYS B 3 -32.97 10.98 30.68
CA CYS B 3 -33.39 10.06 29.63
C CYS B 3 -34.82 10.30 29.22
N LEU B 4 -35.68 10.45 30.22
CA LEU B 4 -37.12 10.55 29.99
C LEU B 4 -37.57 11.90 29.45
N THR B 5 -36.76 12.94 29.63
CA THR B 5 -37.08 14.23 29.04
C THR B 5 -36.30 14.52 27.74
N GLY B 6 -35.14 13.89 27.57
CA GLY B 6 -34.29 14.13 26.42
C GLY B 6 -34.88 13.61 25.13
N PRO B 7 -34.30 14.00 23.98
CA PRO B 7 -34.80 13.55 22.68
C PRO B 7 -34.36 12.14 22.39
N ARG B 8 -35.11 11.41 21.56
CA ARG B 8 -34.71 10.05 21.23
C ARG B 8 -34.23 9.94 19.77
N THR B 9 -34.55 10.94 18.93
CA THR B 9 -34.09 10.97 17.54
C THR B 9 -33.78 12.40 17.11
N CYS B 10 -33.14 12.53 15.96
CA CYS B 10 -32.89 13.84 15.36
C CYS B 10 -34.21 14.52 14.96
N LYS B 11 -35.20 13.71 14.61
CA LYS B 11 -36.53 14.22 14.29
C LYS B 11 -37.17 14.91 15.49
N ASP B 12 -37.04 14.31 16.67
CA ASP B 12 -37.49 14.94 17.92
C ASP B 12 -36.83 16.30 18.10
N LEU B 13 -35.53 16.36 17.86
CA LEU B 13 -34.76 17.58 18.01
C LEU B 13 -35.25 18.66 17.06
N LEU B 14 -35.48 18.28 15.79
CA LEU B 14 -36.01 19.20 14.81
C LEU B 14 -37.37 19.73 15.27
N ASP B 15 -38.16 18.83 15.87
CA ASP B 15 -39.45 19.18 16.48
C ASP B 15 -39.29 20.12 17.67
N ARG B 16 -38.16 20.08 18.38
CA ARG B 16 -37.95 21.01 19.49
C ARG B 16 -37.31 22.32 19.01
N GLY B 17 -37.23 22.51 17.70
CA GLY B 17 -36.69 23.77 17.21
C GLY B 17 -35.19 23.82 17.03
N HIS B 18 -34.55 22.68 16.78
CA HIS B 18 -33.14 22.66 16.42
C HIS B 18 -32.98 22.61 14.91
N PHE B 19 -32.73 23.77 14.29
CA PHE B 19 -32.77 23.86 12.83
C PHE B 19 -31.43 23.73 12.11
N LEU B 20 -30.33 23.75 12.86
CA LEU B 20 -29.00 23.63 12.27
C LEU B 20 -28.51 22.19 12.41
N SER B 21 -27.98 21.66 11.32
CA SER B 21 -27.34 20.37 11.36
C SER B 21 -26.15 20.43 12.32
N GLY B 22 -25.84 19.30 12.94
CA GLY B 22 -24.78 19.26 13.91
C GLY B 22 -24.93 18.11 14.87
N TRP B 23 -23.98 17.99 15.78
CA TRP B 23 -23.92 16.90 16.73
C TRP B 23 -24.76 17.23 17.95
N HIS B 24 -25.75 16.38 18.23
CA HIS B 24 -26.58 16.53 19.41
C HIS B 24 -26.60 15.19 20.09
N THR B 25 -26.88 15.20 21.40
CA THR B 25 -27.07 13.93 22.08
C THR B 25 -28.54 13.52 22.13
N ILE B 26 -28.79 12.24 21.87
CA ILE B 26 -30.14 11.68 21.92
C ILE B 26 -30.11 10.49 22.86
N TYR B 27 -31.23 9.98 23.27
CA TYR B 27 -31.17 8.83 24.17
C TYR B 27 -31.65 7.55 23.51
N LEU B 28 -30.75 6.58 23.41
CA LEU B 28 -31.12 5.27 22.89
C LEU B 28 -32.26 4.67 23.72
N PRO B 29 -32.99 3.68 23.16
CA PRO B 29 -34.10 2.99 23.86
C PRO B 29 -33.75 2.41 25.24
N ASP B 30 -32.48 2.12 25.46
CA ASP B 30 -32.00 1.65 26.74
C ASP B 30 -31.54 2.82 27.62
N CYS B 31 -31.81 4.04 27.16
CA CYS B 31 -31.49 5.27 27.88
C CYS B 31 -30.04 5.72 27.86
N ARG B 32 -29.17 4.95 27.19
CA ARG B 32 -27.79 5.40 26.97
C ARG B 32 -27.68 6.63 26.04
N PRO B 33 -27.04 7.69 26.52
CA PRO B 33 -26.80 8.86 25.67
C PRO B 33 -25.89 8.52 24.49
N LEU B 34 -26.14 9.14 23.34
CA LEU B 34 -25.28 8.98 22.16
C LEU B 34 -25.25 10.29 21.39
N THR B 35 -24.05 10.83 21.18
CA THR B 35 -23.92 12.06 20.42
C THR B 35 -23.93 11.76 18.91
N VAL B 36 -24.98 12.21 18.21
CA VAL B 36 -25.12 11.88 16.80
C VAL B 36 -25.12 13.14 15.93
N LEU B 37 -24.85 12.94 14.65
CA LEU B 37 -24.89 14.03 13.69
C LEU B 37 -26.30 14.09 13.11
N CYS B 38 -26.98 15.20 13.35
CA CYS B 38 -28.31 15.41 12.82
C CYS B 38 -28.23 16.20 11.52
N ASP B 39 -28.86 15.68 10.46
CA ASP B 39 -28.99 16.45 9.23
C ASP B 39 -30.37 17.11 9.22
N MET B 40 -30.39 18.42 9.46
CA MET B 40 -31.64 19.16 9.59
C MET B 40 -31.96 19.86 8.29
N ASP B 41 -31.08 19.72 7.31
CA ASP B 41 -31.15 20.49 6.07
C ASP B 41 -31.76 19.71 4.89
N THR B 42 -31.51 18.40 4.83
CA THR B 42 -31.83 17.60 3.62
C THR B 42 -33.22 16.99 3.66
N ASP B 43 -33.96 17.13 2.57
CA ASP B 43 -35.24 16.44 2.41
C ASP B 43 -36.13 16.59 3.65
N GLY B 44 -36.30 17.81 4.13
CA GLY B 44 -37.13 18.06 5.31
C GLY B 44 -36.38 17.97 6.63
N GLY B 45 -35.22 17.34 6.64
CA GLY B 45 -34.39 17.24 7.85
C GLY B 45 -34.87 16.23 8.88
N GLY B 46 -34.14 16.13 9.99
CA GLY B 46 -34.49 15.18 11.04
C GLY B 46 -33.85 13.83 10.84
N TRP B 47 -32.76 13.81 10.05
CA TRP B 47 -32.04 12.58 9.75
C TRP B 47 -30.86 12.42 10.71
N THR B 48 -30.64 11.18 11.14
CA THR B 48 -29.48 10.83 11.93
C THR B 48 -28.49 10.22 10.96
N VAL B 49 -27.30 10.81 10.87
CA VAL B 49 -26.30 10.36 9.92
C VAL B 49 -25.39 9.33 10.58
N PHE B 50 -25.30 8.14 9.99
CA PHE B 50 -24.47 7.10 10.60
C PHE B 50 -23.22 6.83 9.79
N GLN B 51 -23.14 7.42 8.60
CA GLN B 51 -21.93 7.32 7.78
C GLN B 51 -21.64 8.61 7.03
N ARG B 52 -20.38 8.98 6.95
CA ARG B 52 -20.01 10.16 6.21
C ARG B 52 -18.58 10.12 5.70
N ARG B 53 -18.44 10.35 4.40
CA ARG B 53 -17.15 10.47 3.73
C ARG B 53 -17.14 11.84 3.08
N VAL B 54 -16.01 12.52 3.12
CA VAL B 54 -15.99 13.90 2.64
C VAL B 54 -14.62 14.38 2.13
N ASP B 55 -13.53 13.71 2.50
CA ASP B 55 -12.19 14.19 2.10
C ASP B 55 -11.10 13.12 2.14
N GLY B 56 -11.47 11.90 2.51
CA GLY B 56 -10.51 10.79 2.54
C GLY B 56 -9.50 10.84 3.67
N SER B 57 -9.79 11.63 4.71
CA SER B 57 -8.85 11.77 5.81
C SER B 57 -8.92 10.60 6.79
N VAL B 58 -9.97 9.80 6.71
CA VAL B 58 -10.12 8.67 7.61
C VAL B 58 -10.04 7.33 6.85
N ASP B 59 -9.26 6.40 7.39
CA ASP B 59 -9.15 5.04 6.88
C ASP B 59 -10.42 4.26 7.23
N PHE B 60 -11.12 3.77 6.20
CA PHE B 60 -12.35 3.01 6.40
C PHE B 60 -12.12 1.52 6.18
N TYR B 61 -10.87 1.16 5.90
CA TYR B 61 -10.52 -0.24 5.70
C TYR B 61 -10.17 -0.85 7.05
N ARG B 62 -11.22 -1.09 7.86
CA ARG B 62 -11.06 -1.45 9.27
C ARG B 62 -11.65 -2.80 9.61
N ASP B 63 -11.28 -3.30 10.78
CA ASP B 63 -11.68 -4.65 11.20
C ASP B 63 -13.05 -4.67 11.87
N TRP B 64 -13.52 -5.87 12.20
CA TRP B 64 -14.83 -6.08 12.78
C TRP B 64 -15.09 -5.28 14.05
N ALA B 65 -14.15 -5.35 14.99
CA ALA B 65 -14.29 -4.67 16.29
C ALA B 65 -14.42 -3.17 16.13
N THR B 66 -13.75 -2.62 15.12
CA THR B 66 -13.74 -1.18 14.89
C THR B 66 -15.06 -0.73 14.28
N TYR B 67 -15.56 -1.47 13.30
CA TYR B 67 -16.88 -1.20 12.76
C TYR B 67 -17.98 -1.39 13.82
N LYS B 68 -17.77 -2.35 14.71
CA LYS B 68 -18.73 -2.61 15.78
C LYS B 68 -18.94 -1.39 16.68
N GLN B 69 -17.84 -0.80 17.14
CA GLN B 69 -17.92 0.32 18.09
C GLN B 69 -18.02 1.72 17.47
N GLY B 70 -17.68 1.84 16.18
CA GLY B 70 -17.68 3.13 15.49
C GLY B 70 -16.27 3.70 15.49
N PHE B 71 -15.99 4.59 14.55
CA PHE B 71 -14.66 5.17 14.39
C PHE B 71 -14.76 6.40 13.53
N GLY B 72 -13.73 7.25 13.59
CA GLY B 72 -13.69 8.46 12.80
C GLY B 72 -13.75 9.68 13.69
N SER B 73 -14.30 10.76 13.15
CA SER B 73 -14.26 12.04 13.82
C SER B 73 -15.54 12.85 13.60
N ARG B 74 -15.99 13.52 14.66
CA ARG B 74 -17.14 14.40 14.54
C ARG B 74 -16.81 15.60 13.65
N LEU B 75 -15.52 15.86 13.47
CA LEU B 75 -15.07 16.97 12.64
C LEU B 75 -15.10 16.63 11.16
N GLY B 76 -15.34 15.36 10.83
CA GLY B 76 -15.25 14.96 9.43
C GLY B 76 -15.90 13.64 9.10
N GLU B 77 -15.08 12.64 8.79
CA GLU B 77 -15.57 11.35 8.34
C GLU B 77 -15.75 10.41 9.51
N PHE B 78 -16.76 9.55 9.46
CA PHE B 78 -17.00 8.60 10.52
C PHE B 78 -17.94 7.48 10.08
N TRP B 79 -17.90 6.39 10.85
CA TRP B 79 -18.90 5.35 10.83
C TRP B 79 -19.41 5.29 12.26
N LEU B 80 -20.72 5.40 12.47
CA LEU B 80 -21.28 5.54 13.82
C LEU B 80 -21.11 4.31 14.71
N GLY B 81 -20.98 3.15 14.09
CA GLY B 81 -20.79 1.91 14.83
C GLY B 81 -21.99 1.01 14.67
N ASN B 82 -21.73 -0.26 14.38
CA ASN B 82 -22.80 -1.21 14.10
C ASN B 82 -23.74 -1.45 15.29
N ASP B 83 -23.20 -1.47 16.51
CA ASP B 83 -24.04 -1.57 17.71
C ASP B 83 -24.98 -0.39 17.83
N ASN B 84 -24.47 0.81 17.55
CA ASN B 84 -25.29 2.02 17.60
C ASN B 84 -26.36 2.02 16.53
N ILE B 85 -25.98 1.60 15.32
CA ILE B 85 -26.89 1.58 14.20
C ILE B 85 -28.01 0.58 14.46
N HIS B 86 -27.66 -0.58 15.04
CA HIS B 86 -28.68 -1.51 15.45
C HIS B 86 -29.63 -0.90 16.49
N ALA B 87 -29.07 -0.34 17.55
CA ALA B 87 -29.88 0.29 18.59
C ALA B 87 -30.83 1.34 18.00
N LEU B 88 -30.36 2.11 17.04
CA LEU B 88 -31.17 3.15 16.44
C LEU B 88 -32.28 2.64 15.52
N THR B 89 -32.15 1.42 15.01
CA THR B 89 -33.12 0.92 14.04
C THR B 89 -33.90 -0.31 14.53
N ALA B 90 -33.55 -0.80 15.72
CA ALA B 90 -34.18 -2.00 16.27
C ALA B 90 -35.69 -1.97 16.38
N GLN B 91 -36.28 -0.83 16.72
CA GLN B 91 -37.71 -0.88 17.02
C GLN B 91 -38.59 0.17 16.39
N GLY B 92 -39.28 -0.22 15.31
CA GLY B 92 -40.11 0.72 14.56
C GLY B 92 -39.66 0.81 13.10
N THR B 93 -39.96 1.94 12.47
CA THR B 93 -39.71 2.04 11.03
C THR B 93 -38.91 3.26 10.69
N SER B 94 -37.61 3.07 10.47
CA SER B 94 -36.75 4.15 10.02
C SER B 94 -36.57 4.01 8.53
N GLU B 95 -36.79 5.11 7.80
CA GLU B 95 -36.44 5.13 6.39
C GLU B 95 -34.98 5.49 6.30
N LEU B 96 -34.35 5.04 5.20
CA LEU B 96 -32.95 5.31 4.90
C LEU B 96 -32.80 6.20 3.67
N ARG B 97 -31.83 7.11 3.74
CA ARG B 97 -31.44 7.96 2.62
C ARG B 97 -29.93 7.95 2.40
N THR B 98 -29.55 7.90 1.13
CA THR B 98 -28.15 7.99 0.73
C THR B 98 -27.90 9.20 -0.17
N ASP B 99 -26.97 10.06 0.23
CA ASP B 99 -26.61 11.24 -0.55
C ASP B 99 -25.19 11.15 -1.05
N LEU B 100 -25.01 11.37 -2.35
CA LEU B 100 -23.71 11.24 -3.01
C LEU B 100 -23.34 12.50 -3.81
N VAL B 101 -22.10 12.97 -3.70
CA VAL B 101 -21.65 14.08 -4.53
C VAL B 101 -20.41 13.68 -5.33
N ASP B 102 -20.40 13.98 -6.62
CA ASP B 102 -19.22 13.71 -7.40
C ASP B 102 -18.28 14.94 -7.36
N PHE B 103 -17.13 14.85 -8.03
CA PHE B 103 -16.16 15.93 -7.99
C PHE B 103 -16.51 17.00 -9.03
N GLU B 104 -17.64 16.86 -9.68
CA GLU B 104 -18.13 17.91 -10.56
C GLU B 104 -19.37 18.56 -9.98
N ASP B 105 -19.56 18.36 -8.68
CA ASP B 105 -20.69 18.93 -7.95
C ASP B 105 -22.07 18.43 -8.36
N ASN B 106 -22.13 17.22 -8.90
CA ASN B 106 -23.41 16.58 -9.13
C ASN B 106 -23.85 15.92 -7.86
N TYR B 107 -25.05 16.27 -7.40
CA TYR B 107 -25.66 15.69 -6.21
C TYR B 107 -26.64 14.59 -6.62
N GLN B 108 -26.46 13.41 -6.06
CA GLN B 108 -27.36 12.30 -6.35
C GLN B 108 -27.84 11.66 -5.05
N PHE B 109 -28.94 10.94 -5.10
CA PHE B 109 -29.46 10.29 -3.89
C PHE B 109 -30.25 9.02 -4.18
N ALA B 110 -30.46 8.24 -3.12
CA ALA B 110 -31.32 7.06 -3.15
C ALA B 110 -32.09 6.99 -1.83
N LYS B 111 -33.37 6.68 -1.91
CA LYS B 111 -34.17 6.52 -0.70
C LYS B 111 -34.87 5.14 -0.60
N TYR B 112 -34.76 4.50 0.57
CA TYR B 112 -35.47 3.24 0.86
C TYR B 112 -36.52 3.38 1.98
N ARG B 113 -37.59 2.61 1.90
CA ARG B 113 -38.75 2.81 2.79
C ARG B 113 -38.50 2.41 4.24
N SER B 114 -37.64 1.42 4.43
CA SER B 114 -37.25 0.99 5.75
C SER B 114 -35.83 0.46 5.73
N PHE B 115 -35.20 0.45 6.88
CA PHE B 115 -33.81 0.03 6.98
C PHE B 115 -33.56 -0.34 8.42
N LYS B 116 -33.04 -1.55 8.60
CA LYS B 116 -32.75 -2.05 9.93
C LYS B 116 -31.53 -2.94 9.84
N VAL B 117 -30.60 -2.81 10.79
CA VAL B 117 -29.56 -3.82 10.91
C VAL B 117 -29.79 -4.61 12.19
N ALA B 118 -29.66 -5.92 12.10
CA ALA B 118 -29.79 -6.81 13.25
C ALA B 118 -28.60 -6.63 14.21
N ASP B 119 -28.58 -7.41 15.29
CA ASP B 119 -27.52 -7.27 16.30
C ASP B 119 -26.31 -8.10 15.91
N GLU B 120 -25.28 -8.11 16.76
CA GLU B 120 -24.01 -8.75 16.42
C GLU B 120 -24.15 -10.24 16.23
N ALA B 121 -25.07 -10.84 16.99
CA ALA B 121 -25.31 -12.27 16.91
C ALA B 121 -25.77 -12.63 15.50
N GLU B 122 -26.63 -11.77 14.94
CA GLU B 122 -27.12 -11.92 13.56
C GLU B 122 -26.16 -11.25 12.57
N LYS B 123 -24.99 -10.86 13.07
CA LYS B 123 -23.98 -10.22 12.26
C LYS B 123 -24.48 -8.98 11.51
N TYR B 124 -25.29 -8.19 12.21
CA TYR B 124 -25.78 -6.94 11.65
C TYR B 124 -26.45 -7.15 10.29
N ASN B 125 -27.13 -8.28 10.17
CA ASN B 125 -27.99 -8.54 9.02
C ASN B 125 -28.79 -7.30 8.59
N LEU B 126 -28.78 -7.03 7.29
CA LEU B 126 -29.50 -5.88 6.71
C LEU B 126 -30.93 -6.27 6.31
N VAL B 127 -31.90 -5.59 6.90
CA VAL B 127 -33.28 -5.75 6.47
C VAL B 127 -33.71 -4.44 5.81
N LEU B 128 -33.75 -4.46 4.48
CA LEU B 128 -34.04 -3.26 3.69
C LEU B 128 -35.43 -3.33 3.07
N GLY B 129 -36.20 -2.28 3.23
CA GLY B 129 -37.45 -2.15 2.53
C GLY B 129 -37.28 -1.60 1.13
N ALA B 130 -38.43 -1.27 0.53
CA ALA B 130 -38.52 -0.85 -0.88
C ALA B 130 -37.69 0.38 -1.23
N PHE B 131 -37.14 0.35 -2.44
CA PHE B 131 -36.50 1.51 -3.01
C PHE B 131 -37.63 2.45 -3.42
N VAL B 132 -37.71 3.60 -2.78
CA VAL B 132 -38.74 4.58 -3.10
C VAL B 132 -38.43 5.35 -4.39
N GLU B 133 -37.27 6.00 -4.41
CA GLU B 133 -36.82 6.75 -5.57
C GLU B 133 -35.37 7.18 -5.32
N GLY B 134 -34.77 7.85 -6.30
CA GLY B 134 -33.43 8.41 -6.12
C GLY B 134 -32.71 8.55 -7.44
N SER B 135 -32.17 9.74 -7.70
CA SER B 135 -31.44 10.01 -8.93
C SER B 135 -30.17 9.17 -9.05
N ALA B 136 -29.73 8.60 -7.92
CA ALA B 136 -28.54 7.74 -7.90
C ALA B 136 -28.84 6.34 -8.36
N GLY B 137 -30.12 6.01 -8.47
CA GLY B 137 -30.56 4.67 -8.86
C GLY B 137 -30.40 3.71 -7.70
N ASP B 138 -31.04 2.55 -7.79
CA ASP B 138 -31.00 1.57 -6.72
C ASP B 138 -29.69 0.78 -6.73
N SER B 139 -28.86 0.97 -5.72
CA SER B 139 -27.73 0.06 -5.55
C SER B 139 -27.62 -0.55 -4.17
N LEU B 140 -28.76 -0.81 -3.55
CA LEU B 140 -28.72 -1.40 -2.21
C LEU B 140 -29.63 -2.60 -2.09
N THR B 141 -30.69 -2.65 -2.88
CA THR B 141 -31.56 -3.82 -2.85
C THR B 141 -30.80 -5.15 -3.02
N PHE B 142 -29.75 -5.13 -3.85
CA PHE B 142 -28.89 -6.30 -4.12
C PHE B 142 -28.31 -6.83 -2.80
N HIS B 143 -28.21 -5.94 -1.82
CA HIS B 143 -27.53 -6.24 -0.58
C HIS B 143 -28.47 -6.59 0.60
N ASN B 144 -29.78 -6.61 0.34
CA ASN B 144 -30.74 -7.03 1.34
C ASN B 144 -30.44 -8.41 1.90
N ASN B 145 -30.61 -8.56 3.22
CA ASN B 145 -30.54 -9.86 3.89
C ASN B 145 -29.12 -10.43 3.88
N GLN B 146 -28.13 -9.55 3.72
CA GLN B 146 -26.74 -9.95 3.79
C GLN B 146 -26.20 -9.59 5.15
N SER B 147 -25.26 -10.38 5.64
CA SER B 147 -24.52 -10.01 6.83
C SER B 147 -23.55 -8.88 6.49
N PHE B 148 -23.05 -8.24 7.54
CA PHE B 148 -22.06 -7.19 7.37
C PHE B 148 -20.74 -7.95 7.37
N SER B 149 -19.74 -7.48 6.62
CA SER B 149 -18.45 -8.19 6.59
C SER B 149 -17.32 -7.19 6.67
N THR B 150 -16.20 -7.58 7.25
CA THR B 150 -15.00 -6.76 7.34
C THR B 150 -13.84 -7.63 6.86
N LYS B 151 -12.68 -7.01 6.59
CA LYS B 151 -11.52 -7.74 6.09
C LYS B 151 -11.18 -8.97 6.95
N ASP B 152 -11.44 -8.87 8.24
CA ASP B 152 -11.06 -9.92 9.17
C ASP B 152 -12.25 -10.78 9.59
N GLN B 153 -13.54 -10.33 9.12
CA GLN B 153 -14.58 -11.30 9.39
C GLN B 153 -15.51 -11.33 8.19
N ASP B 154 -15.22 -12.40 7.35
CA ASP B 154 -15.84 -12.63 6.06
C ASP B 154 -17.17 -13.37 6.26
N ASN B 155 -18.27 -12.65 6.11
CA ASN B 155 -19.60 -13.23 6.22
C ASN B 155 -20.36 -13.09 4.91
N ASP B 156 -19.64 -12.97 3.78
CA ASP B 156 -20.30 -12.75 2.49
C ASP B 156 -20.66 -14.04 1.77
N LEU B 157 -21.18 -13.92 0.55
CA LEU B 157 -21.57 -15.11 -0.19
C LEU B 157 -20.60 -15.38 -1.33
N ASN B 158 -19.42 -14.80 -1.24
CA ASN B 158 -18.39 -15.03 -2.24
C ASN B 158 -17.37 -16.07 -1.72
N THR B 159 -16.84 -16.91 -2.61
CA THR B 159 -15.84 -17.89 -2.18
C THR B 159 -14.53 -17.21 -1.75
N GLY B 160 -14.31 -15.98 -2.20
CA GLY B 160 -13.18 -15.20 -1.70
C GLY B 160 -13.64 -14.17 -0.70
N ASN B 161 -12.77 -13.20 -0.41
CA ASN B 161 -13.01 -12.16 0.59
C ASN B 161 -13.39 -10.83 -0.04
N CYS B 162 -14.67 -10.53 -0.02
CA CYS B 162 -15.15 -9.29 -0.65
C CYS B 162 -14.50 -8.05 -0.05
N ALA B 163 -14.37 -8.00 1.27
CA ALA B 163 -13.89 -6.80 1.93
C ALA B 163 -12.45 -6.56 1.53
N VAL B 164 -11.72 -7.63 1.29
CA VAL B 164 -10.32 -7.51 0.86
C VAL B 164 -10.25 -7.18 -0.62
N MET B 165 -11.07 -7.83 -1.44
CA MET B 165 -11.03 -7.61 -2.89
C MET B 165 -11.39 -6.19 -3.23
N PHE B 166 -12.37 -5.64 -2.50
CA PHE B 166 -12.92 -4.32 -2.84
C PHE B 166 -12.67 -3.32 -1.75
N GLN B 167 -11.78 -3.71 -0.83
CA GLN B 167 -11.13 -2.77 0.10
C GLN B 167 -12.09 -1.85 0.84
N GLY B 168 -13.10 -2.46 1.44
CA GLY B 168 -14.10 -1.75 2.26
C GLY B 168 -14.67 -2.64 3.35
N ALA B 169 -15.93 -2.37 3.71
CA ALA B 169 -16.67 -3.13 4.70
C ALA B 169 -18.14 -2.88 4.40
N TRP B 170 -18.93 -3.93 4.35
CA TRP B 170 -20.26 -3.73 3.82
C TRP B 170 -21.07 -4.99 4.00
N TRP B 171 -22.34 -4.90 3.62
CA TRP B 171 -23.24 -6.02 3.58
C TRP B 171 -23.05 -6.72 2.24
N TYR B 172 -21.82 -7.16 1.99
CA TYR B 172 -21.42 -7.76 0.73
C TYR B 172 -22.16 -9.05 0.44
N LYS B 173 -22.51 -9.23 -0.81
CA LYS B 173 -23.07 -10.47 -1.26
C LYS B 173 -21.98 -11.24 -1.98
N ASN B 174 -21.86 -11.01 -3.28
CA ASN B 174 -21.01 -11.78 -4.16
C ASN B 174 -20.45 -10.98 -5.37
N CYS B 175 -20.03 -9.73 -5.20
CA CYS B 175 -19.79 -9.10 -3.92
C CYS B 175 -20.62 -7.86 -3.69
N HIS B 176 -20.61 -6.95 -4.64
CA HIS B 176 -21.28 -5.69 -4.39
C HIS B 176 -21.70 -4.94 -5.63
N THR B 177 -22.62 -4.02 -5.35
CA THR B 177 -23.13 -3.13 -6.34
C THR B 177 -22.99 -1.74 -5.69
N SER B 178 -22.74 -1.73 -4.40
CA SER B 178 -22.34 -0.49 -3.73
C SER B 178 -21.21 -0.77 -2.75
N ASN B 179 -20.39 0.23 -2.45
CA ASN B 179 -19.18 0.01 -1.66
C ASN B 179 -18.77 1.30 -0.97
N LEU B 180 -19.73 1.89 -0.25
CA LEU B 180 -19.57 3.25 0.28
C LEU B 180 -18.49 3.40 1.35
N ASN B 181 -18.09 2.27 1.95
CA ASN B 181 -16.97 2.26 2.90
C ASN B 181 -15.67 1.84 2.21
N GLY B 182 -15.63 2.00 0.88
CA GLY B 182 -14.46 1.68 0.07
C GLY B 182 -13.40 2.76 0.14
N ARG B 183 -12.34 2.64 -0.65
CA ARG B 183 -11.24 3.57 -0.56
C ARG B 183 -11.63 4.93 -1.12
N TYR B 184 -11.02 6.00 -0.60
CA TYR B 184 -11.32 7.35 -1.07
C TYR B 184 -10.44 7.65 -2.27
N LEU B 185 -10.89 7.24 -3.46
CA LEU B 185 -10.02 7.25 -4.65
C LEU B 185 -10.13 8.50 -5.52
N ARG B 186 -11.03 9.42 -5.19
CA ARG B 186 -11.09 10.71 -5.87
C ARG B 186 -11.46 10.68 -7.35
N GLY B 187 -12.70 10.40 -7.69
CA GLY B 187 -13.04 10.38 -9.11
C GLY B 187 -12.64 9.06 -9.73
N THR B 188 -12.19 9.11 -10.98
CA THR B 188 -12.04 7.86 -11.70
C THR B 188 -10.78 7.10 -11.25
N HIS B 189 -10.89 5.78 -11.23
CA HIS B 189 -9.77 4.95 -10.85
C HIS B 189 -9.67 3.72 -11.75
N GLY B 190 -8.44 3.30 -12.04
CA GLY B 190 -8.20 2.10 -12.83
C GLY B 190 -8.51 0.84 -12.06
N SER B 191 -8.24 0.86 -10.76
CA SER B 191 -8.50 -0.28 -9.88
C SER B 191 -10.00 -0.54 -9.88
N PHE B 192 -10.40 -1.80 -9.77
CA PHE B 192 -11.79 -2.19 -10.04
C PHE B 192 -12.63 -2.26 -8.79
N ALA B 193 -13.63 -1.39 -8.77
CA ALA B 193 -14.71 -1.44 -7.78
C ALA B 193 -14.22 -1.37 -6.36
N ASN B 194 -13.04 -0.80 -6.14
CA ASN B 194 -12.51 -0.68 -4.78
C ASN B 194 -12.62 0.73 -4.18
N GLY B 195 -13.39 1.60 -4.81
CA GLY B 195 -13.56 2.96 -4.32
C GLY B 195 -14.93 3.15 -3.70
N ILE B 196 -15.31 4.41 -3.47
CA ILE B 196 -16.61 4.73 -2.94
C ILE B 196 -17.58 4.69 -4.11
N ASN B 197 -18.03 3.48 -4.42
CA ASN B 197 -18.75 3.19 -5.66
C ASN B 197 -20.21 2.88 -5.43
N TRP B 198 -21.04 3.30 -6.40
CA TRP B 198 -22.46 3.02 -6.42
C TRP B 198 -22.74 2.67 -7.88
N LYS B 199 -22.87 1.39 -8.18
CA LYS B 199 -22.93 0.94 -9.58
C LYS B 199 -23.94 1.70 -10.44
N SER B 200 -25.19 1.74 -9.99
CA SER B 200 -26.23 2.45 -10.75
C SER B 200 -25.97 3.96 -10.81
N GLY B 201 -25.06 4.45 -9.97
CA GLY B 201 -24.73 5.87 -9.98
C GLY B 201 -23.65 6.19 -10.99
N LYS B 202 -22.41 6.27 -10.53
CA LYS B 202 -21.27 6.60 -11.41
C LYS B 202 -20.43 5.38 -11.81
N GLY B 203 -20.82 4.19 -11.40
CA GLY B 203 -20.13 2.96 -11.81
C GLY B 203 -19.01 2.43 -10.92
N TYR B 204 -18.36 1.39 -11.42
CA TYR B 204 -17.36 0.64 -10.66
C TYR B 204 -15.95 1.27 -10.69
N ASN B 205 -15.80 2.39 -11.41
CA ASN B 205 -14.50 3.02 -11.62
C ASN B 205 -14.50 4.51 -11.31
N TYR B 206 -15.38 4.93 -10.40
CA TYR B 206 -15.47 6.33 -9.99
C TYR B 206 -15.84 6.42 -8.53
N SER B 207 -14.99 7.08 -7.77
CA SER B 207 -15.13 7.18 -6.33
C SER B 207 -15.65 8.58 -5.98
N TYR B 208 -16.82 8.62 -5.33
CA TYR B 208 -17.46 9.87 -4.98
C TYR B 208 -16.65 10.78 -4.08
N LYS B 209 -16.92 12.08 -4.20
CA LYS B 209 -16.33 13.08 -3.32
C LYS B 209 -16.98 13.04 -1.94
N VAL B 210 -18.31 12.92 -1.92
CA VAL B 210 -19.08 12.91 -0.68
C VAL B 210 -20.04 11.73 -0.60
N SER B 211 -20.07 11.06 0.55
CA SER B 211 -21.04 9.99 0.79
C SER B 211 -21.70 10.16 2.18
N GLU B 212 -23.01 10.02 2.27
CA GLU B 212 -23.70 10.14 3.56
C GLU B 212 -24.87 9.18 3.64
N MET B 213 -24.95 8.41 4.73
CA MET B 213 -26.08 7.51 4.92
C MET B 213 -26.79 7.90 6.19
N LYS B 214 -28.12 7.98 6.15
CA LYS B 214 -28.83 8.58 7.28
C LYS B 214 -30.24 7.99 7.45
N VAL B 215 -30.73 7.98 8.67
CA VAL B 215 -32.07 7.45 8.95
C VAL B 215 -33.01 8.41 9.65
N ARG B 216 -34.30 8.17 9.47
CA ARG B 216 -35.33 8.98 10.10
C ARG B 216 -36.57 8.10 10.29
N PRO B 217 -37.31 8.29 11.40
CA PRO B 217 -38.48 7.41 11.58
C PRO B 217 -39.58 7.66 10.56
N ALA B 218 -40.22 6.59 10.13
CA ALA B 218 -41.45 6.70 9.37
C ALA B 218 -42.54 6.67 10.42
N LEU C 4 -19.46 18.69 38.69
CA LEU C 4 -19.16 17.27 38.34
C LEU C 4 -17.76 16.74 38.75
N THR C 5 -17.79 15.55 39.37
CA THR C 5 -16.66 14.64 39.38
C THR C 5 -16.89 13.56 38.29
N GLY C 6 -16.32 13.78 37.11
CA GLY C 6 -16.47 12.92 35.93
C GLY C 6 -15.16 12.72 35.18
N PRO C 7 -15.17 12.90 33.84
CA PRO C 7 -13.96 12.64 33.01
C PRO C 7 -12.83 13.64 33.20
N ARG C 8 -11.62 13.14 33.40
CA ARG C 8 -10.44 13.97 33.69
C ARG C 8 -9.53 14.07 32.47
N THR C 9 -9.72 13.18 31.53
CA THR C 9 -8.90 13.09 30.31
C THR C 9 -9.71 12.49 29.16
N CYS C 10 -9.15 12.56 27.96
CA CYS C 10 -9.76 11.92 26.80
C CYS C 10 -9.74 10.41 26.94
N LYS C 11 -8.74 9.89 27.65
CA LYS C 11 -8.67 8.46 27.94
C LYS C 11 -9.85 7.99 28.79
N ASP C 12 -10.22 8.78 29.79
CA ASP C 12 -11.42 8.50 30.59
C ASP C 12 -12.65 8.42 29.69
N LEU C 13 -12.76 9.36 28.77
CA LEU C 13 -13.89 9.43 27.84
C LEU C 13 -13.95 8.18 26.96
N LEU C 14 -12.80 7.78 26.43
CA LEU C 14 -12.71 6.58 25.62
C LEU C 14 -13.15 5.36 26.44
N ASP C 15 -12.72 5.27 27.69
CA ASP C 15 -13.13 4.14 28.52
C ASP C 15 -14.63 4.18 28.81
N ARG C 16 -15.23 5.36 28.79
CA ARG C 16 -16.66 5.47 29.03
C ARG C 16 -17.48 5.26 27.76
N GLY C 17 -16.81 4.88 26.68
CA GLY C 17 -17.49 4.53 25.44
C GLY C 17 -17.68 5.67 24.44
N HIS C 18 -16.80 6.66 24.47
CA HIS C 18 -16.80 7.70 23.43
C HIS C 18 -15.79 7.37 22.35
N PHE C 19 -16.26 6.79 21.24
CA PHE C 19 -15.35 6.24 20.24
C PHE C 19 -15.01 7.15 19.06
N LEU C 20 -15.73 8.26 18.94
CA LEU C 20 -15.49 9.21 17.86
C LEU C 20 -14.62 10.36 18.34
N SER C 21 -13.62 10.71 17.57
CA SER C 21 -12.82 11.87 17.85
C SER C 21 -13.71 13.10 17.80
N GLY C 22 -13.35 14.12 18.58
CA GLY C 22 -14.17 15.31 18.65
C GLY C 22 -13.94 16.07 19.93
N TRP C 23 -14.64 17.19 20.06
CA TRP C 23 -14.49 18.08 21.19
C TRP C 23 -15.39 17.64 22.33
N HIS C 24 -14.79 17.36 23.47
CA HIS C 24 -15.53 16.98 24.67
C HIS C 24 -15.00 17.85 25.79
N THR C 25 -15.82 18.05 26.82
CA THR C 25 -15.33 18.75 27.99
C THR C 25 -14.80 17.78 29.06
N ILE C 26 -13.65 18.13 29.63
CA ILE C 26 -13.05 17.34 30.68
C ILE C 26 -12.81 18.25 31.87
N TYR C 27 -12.47 17.62 32.98
CA TYR C 27 -12.22 18.31 34.23
C TYR C 27 -10.75 18.26 34.59
N LEU C 28 -10.12 19.43 34.54
CA LEU C 28 -8.70 19.53 34.85
C LEU C 28 -8.45 19.18 36.32
N PRO C 29 -7.19 18.84 36.65
CA PRO C 29 -6.79 18.49 38.01
C PRO C 29 -7.46 19.33 39.10
N ASP C 30 -7.69 20.62 38.83
CA ASP C 30 -8.28 21.49 39.84
C ASP C 30 -9.82 21.57 39.74
N CYS C 31 -10.39 20.79 38.83
CA CYS C 31 -11.85 20.74 38.64
C CYS C 31 -12.37 21.82 37.72
N ARG C 32 -11.46 22.62 37.17
CA ARG C 32 -11.79 23.49 36.07
C ARG C 32 -12.19 22.59 34.89
N PRO C 33 -13.38 22.85 34.30
CA PRO C 33 -13.81 22.12 33.10
C PRO C 33 -13.16 22.70 31.85
N LEU C 34 -12.74 21.84 30.93
CA LEU C 34 -12.09 22.29 29.70
C LEU C 34 -12.60 21.47 28.53
N THR C 35 -12.96 22.16 27.46
CA THR C 35 -13.38 21.46 26.25
C THR C 35 -12.21 21.29 25.31
N VAL C 36 -11.89 20.03 25.04
CA VAL C 36 -10.68 19.63 24.31
C VAL C 36 -11.01 18.73 23.13
N LEU C 37 -10.06 18.63 22.21
CA LEU C 37 -10.21 17.74 21.07
C LEU C 37 -9.62 16.39 21.45
N CYS C 38 -10.46 15.37 21.46
CA CYS C 38 -10.03 14.02 21.75
C CYS C 38 -9.74 13.27 20.45
N ASP C 39 -8.55 12.68 20.34
CA ASP C 39 -8.26 11.80 19.22
C ASP C 39 -8.50 10.36 19.68
N MET C 40 -9.59 9.77 19.22
CA MET C 40 -10.00 8.45 19.66
C MET C 40 -9.57 7.40 18.63
N ASP C 41 -8.97 7.87 17.54
CA ASP C 41 -8.70 7.02 16.37
C ASP C 41 -7.24 6.55 16.30
N THR C 42 -6.29 7.38 16.75
CA THR C 42 -4.87 7.12 16.50
C THR C 42 -4.19 6.32 17.60
N ASP C 43 -3.42 5.30 17.22
CA ASP C 43 -2.59 4.57 18.17
C ASP C 43 -3.37 4.16 19.43
N GLY C 44 -4.55 3.58 19.25
CA GLY C 44 -5.37 3.18 20.41
C GLY C 44 -6.31 4.24 20.92
N GLY C 45 -6.07 5.50 20.56
CA GLY C 45 -6.94 6.61 20.96
C GLY C 45 -6.82 7.06 22.41
N GLY C 46 -7.63 8.04 22.79
CA GLY C 46 -7.56 8.58 24.15
C GLY C 46 -6.55 9.70 24.30
N TRP C 47 -6.21 10.33 23.17
CA TRP C 47 -5.26 11.43 23.13
C TRP C 47 -5.99 12.76 23.20
N THR C 48 -5.42 13.69 23.96
CA THR C 48 -5.90 15.06 23.99
C THR C 48 -4.98 15.85 23.08
N VAL C 49 -5.56 16.49 22.08
CA VAL C 49 -4.79 17.21 21.08
C VAL C 49 -4.64 18.67 21.51
N PHE C 50 -3.40 19.14 21.64
CA PHE C 50 -3.21 20.52 22.06
C PHE C 50 -2.70 21.40 20.95
N GLN C 51 -2.35 20.79 19.81
CA GLN C 51 -1.93 21.55 18.63
C GLN C 51 -2.44 20.89 17.35
N ARG C 52 -2.98 21.71 16.43
CA ARG C 52 -3.45 21.20 15.15
C ARG C 52 -3.22 22.20 14.02
N ARG C 53 -2.53 21.76 12.94
CA ARG C 53 -2.39 22.52 11.69
C ARG C 53 -2.95 21.64 10.61
N VAL C 54 -3.68 22.23 9.66
CA VAL C 54 -4.36 21.41 8.68
C VAL C 54 -4.61 22.10 7.32
N ASP C 55 -4.56 23.45 7.27
CA ASP C 55 -4.89 24.15 6.03
C ASP C 55 -4.34 25.57 5.95
N GLY C 56 -3.63 26.00 6.99
CA GLY C 56 -3.02 27.32 7.00
C GLY C 56 -3.99 28.49 7.17
N SER C 57 -5.20 28.20 7.64
CA SER C 57 -6.20 29.25 7.79
C SER C 57 -5.99 30.09 9.05
N VAL C 58 -5.16 29.61 9.97
CA VAL C 58 -4.92 30.35 11.21
C VAL C 58 -3.46 30.82 11.29
N ASP C 59 -3.29 32.09 11.67
CA ASP C 59 -1.99 32.68 11.91
C ASP C 59 -1.41 32.16 13.23
N PHE C 60 -0.26 31.51 13.15
CA PHE C 60 0.39 30.95 14.34
C PHE C 60 1.56 31.82 14.80
N TYR C 61 1.79 32.90 14.07
CA TYR C 61 2.87 33.82 14.40
C TYR C 61 2.37 34.84 15.41
N ARG C 62 2.19 34.37 16.65
CA ARG C 62 1.47 35.14 17.69
C ARG C 62 2.33 35.45 18.90
N ASP C 63 1.86 36.37 19.72
CA ASP C 63 2.61 36.84 20.86
C ASP C 63 2.43 35.97 22.10
N TRP C 64 3.17 36.30 23.16
CA TRP C 64 3.18 35.53 24.39
C TRP C 64 1.78 35.33 25.02
N ALA C 65 1.05 36.43 25.15
CA ALA C 65 -0.28 36.41 25.78
C ALA C 65 -1.24 35.50 25.02
N THR C 66 -1.10 35.45 23.71
CA THR C 66 -1.97 34.66 22.86
C THR C 66 -1.66 33.17 22.98
N TYR C 67 -0.38 32.82 22.95
CA TYR C 67 0.01 31.45 23.21
C TYR C 67 -0.35 31.00 24.63
N LYS C 68 -0.29 31.92 25.57
CA LYS C 68 -0.64 31.64 26.96
C LYS C 68 -2.09 31.16 27.10
N GLN C 69 -3.03 31.89 26.49
CA GLN C 69 -4.45 31.59 26.65
C GLN C 69 -5.03 30.61 25.62
N GLY C 70 -4.32 30.41 24.50
CA GLY C 70 -4.80 29.55 23.43
C GLY C 70 -5.47 30.40 22.35
N PHE C 71 -5.53 29.86 21.13
CA PHE C 71 -6.09 30.61 20.00
C PHE C 71 -6.39 29.63 18.89
N GLY C 72 -7.23 30.07 17.95
CA GLY C 72 -7.59 29.25 16.82
C GLY C 72 -9.05 28.88 16.86
N SER C 73 -9.37 27.72 16.30
CA SER C 73 -10.76 27.33 16.11
C SER C 73 -10.97 25.83 16.30
N ARG C 74 -12.09 25.48 16.94
CA ARG C 74 -12.43 24.08 17.09
C ARG C 74 -12.77 23.46 15.74
N LEU C 75 -13.07 24.32 14.76
CA LEU C 75 -13.41 23.86 13.42
C LEU C 75 -12.16 23.52 12.60
N GLY C 76 -10.98 23.85 13.11
CA GLY C 76 -9.78 23.68 12.31
C GLY C 76 -8.49 23.70 13.09
N GLU C 77 -7.71 24.76 12.91
CA GLU C 77 -6.37 24.84 13.49
C GLU C 77 -6.45 25.55 14.83
N PHE C 78 -5.60 25.15 15.77
CA PHE C 78 -5.59 25.78 17.09
C PHE C 78 -4.31 25.43 17.85
N TRP C 79 -4.03 26.25 18.86
CA TRP C 79 -3.09 25.96 19.92
C TRP C 79 -3.91 26.03 21.20
N LEU C 80 -3.88 24.99 22.02
CA LEU C 80 -4.79 24.90 23.18
C LEU C 80 -4.53 25.94 24.26
N GLY C 81 -3.29 26.43 24.33
CA GLY C 81 -2.92 27.43 25.33
C GLY C 81 -1.94 26.85 26.31
N ASN C 82 -0.88 27.60 26.58
CA ASN C 82 0.19 27.12 27.45
C ASN C 82 -0.27 26.86 28.89
N ASP C 83 -1.15 27.71 29.42
CA ASP C 83 -1.72 27.48 30.75
C ASP C 83 -2.50 26.16 30.81
N ASN C 84 -3.27 25.89 29.75
CA ASN C 84 -4.03 24.64 29.68
C ASN C 84 -3.13 23.43 29.55
N ILE C 85 -2.10 23.57 28.72
CA ILE C 85 -1.16 22.47 28.49
C ILE C 85 -0.41 22.16 29.78
N HIS C 86 -0.03 23.19 30.52
CA HIS C 86 0.56 22.97 31.83
C HIS C 86 -0.41 22.24 32.76
N ALA C 87 -1.62 22.75 32.89
CA ALA C 87 -2.63 22.13 33.75
C ALA C 87 -2.81 20.66 33.39
N LEU C 88 -2.85 20.40 32.09
CA LEU C 88 -3.04 19.05 31.57
C LEU C 88 -1.90 18.13 31.95
N THR C 89 -0.69 18.67 32.01
CA THR C 89 0.48 17.81 32.11
C THR C 89 1.25 17.89 33.43
N ALA C 90 0.80 18.72 34.35
CA ALA C 90 1.48 18.86 35.64
C ALA C 90 1.54 17.53 36.40
N GLN C 91 0.37 16.98 36.71
CA GLN C 91 0.27 15.76 37.51
C GLN C 91 0.65 14.51 36.72
N GLY C 92 1.71 13.84 37.16
CA GLY C 92 2.05 12.52 36.64
C GLY C 92 2.67 12.45 35.25
N THR C 93 2.32 11.39 34.53
CA THR C 93 2.96 11.07 33.27
C THR C 93 1.98 11.12 32.11
N SER C 94 2.12 12.15 31.27
CA SER C 94 1.47 12.19 29.97
C SER C 94 2.52 11.82 28.95
N GLU C 95 2.23 10.87 28.08
CA GLU C 95 3.12 10.61 26.95
C GLU C 95 2.73 11.54 25.79
N LEU C 96 3.70 11.90 24.96
CA LEU C 96 3.45 12.77 23.80
C LEU C 96 3.54 12.03 22.45
N ARG C 97 2.57 12.30 21.60
CA ARG C 97 2.62 11.85 20.22
C ARG C 97 2.52 13.05 19.25
N THR C 98 3.39 13.07 18.27
CA THR C 98 3.39 14.07 17.24
C THR C 98 3.08 13.41 15.92
N ASP C 99 1.93 13.77 15.35
CA ASP C 99 1.48 13.23 14.06
C ASP C 99 1.63 14.25 12.93
N LEU C 100 2.19 13.82 11.80
CA LEU C 100 2.58 14.71 10.69
C LEU C 100 2.15 14.10 9.37
N VAL C 101 1.57 14.91 8.49
CA VAL C 101 1.13 14.41 7.17
C VAL C 101 1.62 15.37 6.11
N ASP C 102 2.34 14.84 5.11
CA ASP C 102 2.85 15.64 4.02
C ASP C 102 1.79 15.87 2.96
N PHE C 103 2.16 16.57 1.90
CA PHE C 103 1.19 16.94 0.90
C PHE C 103 0.85 15.81 -0.07
N GLU C 104 1.63 14.73 -0.02
CA GLU C 104 1.33 13.52 -0.78
C GLU C 104 0.67 12.50 0.14
N ASP C 105 0.14 12.99 1.27
CA ASP C 105 -0.62 12.19 2.25
C ASP C 105 0.14 11.05 2.92
N ASN C 106 1.45 11.22 3.05
CA ASN C 106 2.24 10.26 3.79
C ASN C 106 2.31 10.66 5.27
N TYR C 107 2.08 9.69 6.15
CA TYR C 107 2.06 9.89 7.59
C TYR C 107 3.42 9.61 8.23
N GLN C 108 3.87 10.51 9.11
CA GLN C 108 5.04 10.26 9.94
C GLN C 108 4.60 10.54 11.38
N PHE C 109 5.32 9.97 12.34
CA PHE C 109 4.98 10.26 13.73
C PHE C 109 6.21 10.19 14.63
N ALA C 110 6.09 10.79 15.81
CA ALA C 110 7.15 10.71 16.83
C ALA C 110 6.48 10.51 18.19
N LYS C 111 7.01 9.58 18.97
CA LYS C 111 6.44 9.28 20.28
C LYS C 111 7.49 9.36 21.39
N TYR C 112 7.13 10.01 22.49
CA TYR C 112 8.04 10.26 23.61
C TYR C 112 7.38 9.76 24.89
N ARG C 113 8.20 9.26 25.81
CA ARG C 113 7.71 8.55 27.00
C ARG C 113 6.95 9.46 27.97
N SER C 114 7.37 10.73 28.06
CA SER C 114 6.73 11.68 28.94
C SER C 114 6.89 13.09 28.37
N PHE C 115 6.01 13.98 28.79
CA PHE C 115 5.99 15.32 28.27
C PHE C 115 5.26 16.19 29.28
N LYS C 116 5.92 17.26 29.68
CA LYS C 116 5.36 18.17 30.67
C LYS C 116 5.84 19.57 30.32
N VAL C 117 4.94 20.56 30.39
CA VAL C 117 5.41 21.94 30.36
C VAL C 117 5.17 22.56 31.73
N ALA C 118 6.17 23.29 32.23
CA ALA C 118 6.07 23.99 33.50
C ALA C 118 5.09 25.17 33.39
N ASP C 119 4.92 25.92 34.48
CA ASP C 119 3.97 27.03 34.49
C ASP C 119 4.60 28.30 33.95
N GLU C 120 3.86 29.40 33.94
CA GLU C 120 4.33 30.63 33.30
C GLU C 120 5.56 31.20 33.97
N ALA C 121 5.65 31.01 35.29
CA ALA C 121 6.79 31.50 36.05
C ALA C 121 8.07 30.85 35.52
N GLU C 122 7.94 29.59 35.12
CA GLU C 122 9.07 28.83 34.62
C GLU C 122 9.14 28.86 33.11
N LYS C 123 8.41 29.81 32.52
CA LYS C 123 8.51 30.14 31.10
C LYS C 123 8.02 28.99 30.23
N TYR C 124 7.05 28.24 30.77
CA TYR C 124 6.48 27.07 30.09
C TYR C 124 7.57 26.15 29.58
N ASN C 125 8.60 25.99 30.38
CA ASN C 125 9.73 25.12 30.09
C ASN C 125 9.32 23.73 29.55
N LEU C 126 10.05 23.24 28.56
CA LEU C 126 9.83 21.90 28.02
C LEU C 126 10.50 20.88 28.91
N VAL C 127 9.72 19.92 29.40
CA VAL C 127 10.27 18.78 30.11
C VAL C 127 9.86 17.53 29.36
N LEU C 128 10.79 16.97 28.59
CA LEU C 128 10.45 15.90 27.67
C LEU C 128 11.10 14.60 28.07
N GLY C 129 10.40 13.49 27.89
CA GLY C 129 10.93 12.17 28.25
C GLY C 129 11.65 11.55 27.07
N ALA C 130 12.11 10.31 27.24
CA ALA C 130 12.84 9.61 26.18
C ALA C 130 12.00 9.41 24.93
N PHE C 131 12.64 9.57 23.78
CA PHE C 131 12.07 9.19 22.49
C PHE C 131 11.81 7.68 22.54
N VAL C 132 10.60 7.24 22.20
CA VAL C 132 10.32 5.80 22.16
C VAL C 132 10.37 5.23 20.73
N GLU C 133 9.66 5.84 19.80
CA GLU C 133 9.75 5.46 18.39
C GLU C 133 9.16 6.54 17.49
N GLY C 134 9.28 6.35 16.18
CA GLY C 134 8.58 7.18 15.21
C GLY C 134 9.24 7.32 13.85
N SER C 135 8.43 7.26 12.80
CA SER C 135 8.93 7.42 11.43
C SER C 135 9.40 8.86 11.11
N ALA C 136 9.00 9.85 11.89
CA ALA C 136 9.47 11.21 11.69
C ALA C 136 10.89 11.42 12.24
N GLY C 137 11.37 10.46 13.01
CA GLY C 137 12.62 10.62 13.76
C GLY C 137 12.46 11.56 14.93
N ASP C 138 13.57 11.84 15.61
CA ASP C 138 13.49 12.63 16.83
C ASP C 138 13.99 14.05 16.61
N SER C 139 13.06 15.00 16.56
CA SER C 139 13.43 16.41 16.39
C SER C 139 12.83 17.24 17.51
N LEU C 140 12.63 16.62 18.68
CA LEU C 140 12.17 17.36 19.86
C LEU C 140 13.13 17.33 21.05
N THR C 141 13.87 16.24 21.22
CA THR C 141 14.79 16.05 22.35
C THR C 141 15.84 17.17 22.44
N PHE C 142 16.40 17.55 21.29
CA PHE C 142 17.23 18.75 21.14
C PHE C 142 16.65 19.92 21.95
N HIS C 143 15.32 20.02 22.02
CA HIS C 143 14.65 21.15 22.66
C HIS C 143 14.34 21.02 24.18
N ASN C 144 14.71 19.89 24.79
CA ASN C 144 14.51 19.65 26.24
C ASN C 144 15.06 20.76 27.15
N ASN C 145 14.31 21.10 28.19
CA ASN C 145 14.82 21.97 29.24
C ASN C 145 14.96 23.41 28.77
N GLN C 146 14.08 23.81 27.87
CA GLN C 146 14.14 25.13 27.24
C GLN C 146 12.82 25.88 27.38
N SER C 147 12.93 27.13 27.79
CA SER C 147 11.81 28.05 27.87
C SER C 147 11.11 28.21 26.51
N PHE C 148 9.82 28.53 26.57
CA PHE C 148 9.05 28.80 25.39
C PHE C 148 9.40 30.24 25.05
N SER C 149 9.43 30.53 23.75
CA SER C 149 9.73 31.86 23.24
C SER C 149 8.69 32.23 22.20
N THR C 150 8.32 33.50 22.18
CA THR C 150 7.54 34.05 21.10
C THR C 150 8.22 35.33 20.61
N LYS C 151 7.73 35.87 19.50
CA LYS C 151 8.35 37.06 18.93
C LYS C 151 8.58 38.17 19.96
N ASP C 152 7.64 38.36 20.88
CA ASP C 152 7.76 39.47 21.87
C ASP C 152 8.40 39.06 23.20
N GLN C 153 8.76 37.79 23.31
CA GLN C 153 9.36 37.27 24.55
C GLN C 153 10.44 36.25 24.20
N ASP C 154 11.66 36.75 24.06
CA ASP C 154 12.84 36.02 23.58
C ASP C 154 13.55 35.37 24.76
N ASN C 155 13.37 34.06 24.91
CA ASN C 155 14.06 33.30 25.95
C ASN C 155 14.99 32.25 25.36
N ASP C 156 15.45 32.47 24.12
CA ASP C 156 16.27 31.46 23.44
C ASP C 156 17.77 31.63 23.70
N LEU C 157 18.58 30.81 23.05
CA LEU C 157 20.01 30.88 23.26
C LEU C 157 20.72 31.51 22.07
N ASN C 158 19.95 32.20 21.23
CA ASN C 158 20.52 32.88 20.09
C ASN C 158 20.70 34.38 20.39
N THR C 159 21.75 35.00 19.85
CA THR C 159 21.94 36.42 20.07
C THR C 159 20.85 37.26 19.39
N GLY C 160 20.19 36.69 18.39
CA GLY C 160 19.04 37.35 17.79
C GLY C 160 17.75 36.72 18.27
N ASN C 161 16.66 37.01 17.58
CA ASN C 161 15.32 36.57 17.96
C ASN C 161 14.84 35.38 17.09
N CYS C 162 15.00 34.16 17.59
CA CYS C 162 14.65 32.95 16.81
C CYS C 162 13.21 32.94 16.26
N ALA C 163 12.26 33.36 17.09
CA ALA C 163 10.84 33.39 16.75
C ALA C 163 10.60 34.28 15.53
N VAL C 164 11.37 35.36 15.43
CA VAL C 164 11.24 36.25 14.29
C VAL C 164 11.96 35.68 13.07
N MET C 165 13.11 35.06 13.29
CA MET C 165 13.91 34.56 12.18
C MET C 165 13.29 33.33 11.53
N PHE C 166 12.50 32.57 12.30
CA PHE C 166 11.80 31.41 11.74
C PHE C 166 10.27 31.50 11.86
N GLN C 167 9.77 32.70 12.12
CA GLN C 167 8.33 32.99 12.11
C GLN C 167 7.43 31.94 12.79
N GLY C 168 7.72 31.64 14.05
CA GLY C 168 6.97 30.64 14.81
C GLY C 168 6.97 30.96 16.30
N ALA C 169 6.68 29.95 17.14
CA ALA C 169 6.77 30.08 18.60
C ALA C 169 7.07 28.68 19.08
N TRP C 170 8.13 28.53 19.86
CA TRP C 170 8.64 27.23 20.19
C TRP C 170 9.61 27.33 21.34
N TRP C 171 10.07 26.17 21.79
CA TRP C 171 11.15 26.08 22.78
C TRP C 171 12.51 26.26 22.07
N TYR C 172 12.66 27.38 21.38
CA TYR C 172 13.87 27.67 20.60
C TYR C 172 15.16 27.71 21.41
N LYS C 173 16.19 27.04 20.92
CA LYS C 173 17.55 27.19 21.48
C LYS C 173 18.40 28.06 20.58
N ASN C 174 19.15 27.45 19.66
CA ASN C 174 19.95 28.22 18.72
C ASN C 174 20.07 27.65 17.31
N CYS C 175 18.97 27.62 16.55
CA CYS C 175 17.65 28.02 17.02
C CYS C 175 16.74 26.82 17.22
N HIS C 176 16.62 25.97 16.20
CA HIS C 176 15.69 24.87 16.24
C HIS C 176 15.99 23.68 15.31
N THR C 177 15.36 22.56 15.65
CA THR C 177 15.34 21.37 14.84
C THR C 177 13.85 20.95 14.48
N SER C 178 12.87 21.46 15.23
CA SER C 178 11.45 21.37 14.85
C SER C 178 10.80 22.75 15.01
N ASN C 179 9.73 23.00 14.26
CA ASN C 179 9.14 24.34 14.22
C ASN C 179 7.68 24.25 13.84
N LEU C 180 6.94 23.42 14.59
CA LEU C 180 5.58 23.04 14.20
C LEU C 180 4.56 24.19 14.25
N ASN C 181 4.91 25.26 14.95
CA ASN C 181 4.09 26.48 14.98
C ASN C 181 4.62 27.51 13.98
N GLY C 182 5.38 27.03 12.98
CA GLY C 182 5.94 27.88 11.93
C GLY C 182 4.92 28.21 10.86
N ARG C 183 5.34 28.87 9.78
CA ARG C 183 4.40 29.32 8.76
C ARG C 183 3.87 28.16 7.96
N TYR C 184 2.63 28.28 7.47
CA TYR C 184 2.03 27.22 6.67
C TYR C 184 2.45 27.39 5.22
N LEU C 185 3.62 26.86 4.88
CA LEU C 185 4.25 27.16 3.58
C LEU C 185 3.94 26.17 2.45
N ARG C 186 3.22 25.09 2.76
CA ARG C 186 2.74 24.19 1.71
C ARG C 186 3.81 23.42 0.93
N GLY C 187 4.47 22.46 1.58
CA GLY C 187 5.43 21.62 0.87
C GLY C 187 6.84 22.19 0.83
N THR C 188 7.61 21.79 -0.18
CA THR C 188 8.96 22.29 -0.35
C THR C 188 8.95 23.81 -0.50
N HIS C 189 9.91 24.45 0.17
CA HIS C 189 10.09 25.89 0.10
C HIS C 189 11.58 26.22 0.12
N GLY C 190 12.00 27.15 -0.72
CA GLY C 190 13.38 27.62 -0.75
C GLY C 190 13.83 28.21 0.57
N SER C 191 12.96 29.00 1.20
CA SER C 191 13.31 29.68 2.43
C SER C 191 13.71 28.70 3.54
N PHE C 192 14.73 29.08 4.30
CA PHE C 192 15.30 28.22 5.33
C PHE C 192 14.54 28.11 6.65
N ALA C 193 13.92 26.94 6.88
CA ALA C 193 13.49 26.52 8.21
C ALA C 193 12.45 27.40 8.91
N ASN C 194 11.65 28.13 8.14
CA ASN C 194 10.60 28.96 8.72
C ASN C 194 9.17 28.43 8.50
N GLY C 195 9.06 27.18 8.06
CA GLY C 195 7.76 26.54 7.85
C GLY C 195 7.46 25.54 8.95
N ILE C 196 6.46 24.69 8.71
CA ILE C 196 6.12 23.65 9.65
C ILE C 196 7.10 22.51 9.43
N ASN C 197 8.27 22.65 10.05
CA ASN C 197 9.41 21.81 9.75
C ASN C 197 9.76 20.86 10.89
N TRP C 198 10.25 19.68 10.51
CA TRP C 198 10.73 18.67 11.43
C TRP C 198 11.99 18.13 10.78
N LYS C 199 13.15 18.57 11.26
CA LYS C 199 14.41 18.29 10.57
C LYS C 199 14.61 16.83 10.19
N SER C 200 14.51 15.94 11.18
CA SER C 200 14.69 14.51 10.93
C SER C 200 13.59 13.95 10.01
N GLY C 201 12.51 14.70 9.82
CA GLY C 201 11.43 14.26 8.97
C GLY C 201 11.67 14.64 7.51
N LYS C 202 11.05 15.71 7.05
CA LYS C 202 11.20 16.09 5.66
C LYS C 202 12.21 17.21 5.55
N GLY C 203 12.83 17.56 6.67
CA GLY C 203 13.91 18.56 6.69
C GLY C 203 13.49 20.01 6.86
N TYR C 204 14.48 20.89 6.76
CA TYR C 204 14.33 22.32 7.01
C TYR C 204 13.68 23.08 5.87
N ASN C 205 13.42 22.39 4.77
CA ASN C 205 12.88 23.01 3.58
C ASN C 205 11.57 22.37 3.11
N TYR C 206 10.88 21.70 4.03
CA TYR C 206 9.57 21.14 3.71
C TYR C 206 8.55 21.33 4.83
N SER C 207 7.43 21.98 4.50
CA SER C 207 6.39 22.33 5.45
C SER C 207 5.19 21.38 5.31
N TYR C 208 4.83 20.67 6.37
CA TYR C 208 3.81 19.61 6.31
C TYR C 208 2.38 20.13 6.07
N LYS C 209 1.52 19.28 5.54
CA LYS C 209 0.11 19.60 5.36
C LYS C 209 -0.64 19.58 6.68
N VAL C 210 -0.35 18.55 7.47
CA VAL C 210 -1.03 18.37 8.72
C VAL C 210 0.00 18.14 9.82
N SER C 211 -0.22 18.78 10.96
CA SER C 211 0.58 18.56 12.14
C SER C 211 -0.33 18.47 13.36
N GLU C 212 -0.09 17.50 14.23
CA GLU C 212 -0.84 17.39 15.49
C GLU C 212 0.04 16.97 16.65
N MET C 213 -0.09 17.69 17.77
CA MET C 213 0.60 17.32 19.01
C MET C 213 -0.43 16.94 20.05
N LYS C 214 -0.26 15.77 20.67
CA LYS C 214 -1.26 15.21 21.57
C LYS C 214 -0.70 14.44 22.78
N VAL C 215 -1.48 14.39 23.85
CA VAL C 215 -1.05 13.72 25.08
C VAL C 215 -2.04 12.68 25.60
N ARG C 216 -1.51 11.73 26.35
CA ARG C 216 -2.30 10.64 26.91
C ARG C 216 -1.61 10.15 28.18
N PRO C 217 -2.39 9.76 29.22
CA PRO C 217 -1.77 9.24 30.44
C PRO C 217 -0.98 7.99 30.10
N ALA C 218 0.27 7.92 30.54
CA ALA C 218 1.13 6.81 30.15
C ALA C 218 0.79 5.57 30.96
N THR D 5 21.50 6.09 -26.42
CA THR D 5 22.08 4.76 -26.81
C THR D 5 21.09 3.60 -26.56
N GLY D 6 20.98 3.17 -25.30
CA GLY D 6 20.09 2.05 -24.91
C GLY D 6 19.73 2.11 -23.43
N PRO D 7 19.00 1.09 -22.91
CA PRO D 7 18.42 1.15 -21.56
C PRO D 7 19.44 1.40 -20.45
N ARG D 8 19.11 2.34 -19.58
CA ARG D 8 19.99 2.69 -18.48
C ARG D 8 19.41 2.22 -17.16
N THR D 9 18.11 1.94 -17.14
CA THR D 9 17.49 1.49 -15.90
C THR D 9 16.41 0.46 -16.17
N CYS D 10 15.94 -0.18 -15.10
CA CYS D 10 14.81 -1.10 -15.22
C CYS D 10 13.53 -0.37 -15.60
N LYS D 11 13.44 0.89 -15.20
CA LYS D 11 12.30 1.74 -15.57
C LYS D 11 12.25 1.96 -17.09
N ASP D 12 13.40 2.20 -17.71
CA ASP D 12 13.49 2.29 -19.17
C ASP D 12 12.95 1.01 -19.82
N LEU D 13 13.36 -0.13 -19.27
CA LEU D 13 12.95 -1.43 -19.79
C LEU D 13 11.44 -1.61 -19.69
N LEU D 14 10.88 -1.26 -18.54
CA LEU D 14 9.44 -1.32 -18.35
C LEU D 14 8.72 -0.43 -19.38
N ASP D 15 9.24 0.77 -19.61
CA ASP D 15 8.63 1.67 -20.61
C ASP D 15 8.80 1.13 -22.02
N ARG D 16 9.80 0.28 -22.24
CA ARG D 16 9.94 -0.34 -23.56
C ARG D 16 9.16 -1.66 -23.70
N GLY D 17 8.31 -1.95 -22.72
CA GLY D 17 7.40 -3.10 -22.80
C GLY D 17 7.93 -4.41 -22.24
N HIS D 18 8.85 -4.34 -21.29
CA HIS D 18 9.29 -5.55 -20.57
C HIS D 18 8.52 -5.70 -19.27
N PHE D 19 7.49 -6.53 -19.28
CA PHE D 19 6.56 -6.59 -18.15
C PHE D 19 6.83 -7.68 -17.10
N LEU D 20 7.73 -8.59 -17.41
CA LEU D 20 8.08 -9.67 -16.51
C LEU D 20 9.35 -9.33 -15.74
N SER D 21 9.34 -9.54 -14.43
CA SER D 21 10.52 -9.39 -13.63
C SER D 21 11.56 -10.39 -14.10
N GLY D 22 12.83 -10.04 -13.95
CA GLY D 22 13.90 -10.90 -14.42
C GLY D 22 15.17 -10.13 -14.67
N TRP D 23 16.19 -10.86 -15.09
CA TRP D 23 17.52 -10.30 -15.30
C TRP D 23 17.63 -9.72 -16.70
N HIS D 24 17.93 -8.44 -16.78
CA HIS D 24 18.13 -7.76 -18.06
C HIS D 24 19.44 -7.01 -17.95
N THR D 25 20.05 -6.75 -19.09
CA THR D 25 21.23 -5.90 -19.07
C THR D 25 20.89 -4.42 -19.33
N ILE D 26 21.50 -3.55 -18.54
CA ILE D 26 21.30 -2.12 -18.69
C ILE D 26 22.67 -1.48 -18.84
N TYR D 27 22.66 -0.19 -19.14
CA TYR D 27 23.90 0.54 -19.34
C TYR D 27 24.06 1.63 -18.30
N LEU D 28 25.15 1.54 -17.54
CA LEU D 28 25.44 2.51 -16.50
C LEU D 28 25.88 3.84 -17.10
N PRO D 29 25.92 4.92 -16.29
CA PRO D 29 26.28 6.24 -16.79
C PRO D 29 27.61 6.31 -17.57
N ASP D 30 28.50 5.34 -17.39
CA ASP D 30 29.73 5.30 -18.21
C ASP D 30 29.63 4.31 -19.38
N CYS D 31 28.42 3.79 -19.58
N CYS D 31 28.45 3.73 -19.55
CA CYS D 31 28.11 2.81 -20.64
CA CYS D 31 28.14 2.84 -20.66
C CYS D 31 28.85 1.48 -20.49
C CYS D 31 28.54 1.39 -20.39
N ARG D 32 29.16 1.12 -19.24
CA ARG D 32 29.54 -0.24 -18.91
C ARG D 32 28.25 -1.02 -18.72
N PRO D 33 28.06 -2.11 -19.50
CA PRO D 33 26.89 -2.96 -19.33
C PRO D 33 26.83 -3.63 -17.94
N LEU D 34 25.62 -3.88 -17.45
CA LEU D 34 25.44 -4.60 -16.20
C LEU D 34 24.10 -5.31 -16.25
N THR D 35 24.12 -6.60 -15.97
CA THR D 35 22.89 -7.37 -15.94
C THR D 35 22.34 -7.30 -14.53
N VAL D 36 21.10 -6.87 -14.45
CA VAL D 36 20.45 -6.61 -13.17
C VAL D 36 19.10 -7.30 -13.10
N LEU D 37 18.61 -7.46 -11.88
CA LEU D 37 17.29 -8.03 -11.66
C LEU D 37 16.29 -6.88 -11.62
N CYS D 38 15.36 -6.89 -12.56
CA CYS D 38 14.31 -5.90 -12.62
C CYS D 38 13.07 -6.41 -11.92
N ASP D 39 12.53 -5.64 -10.99
CA ASP D 39 11.23 -5.97 -10.40
C ASP D 39 10.16 -5.15 -11.12
N MET D 40 9.40 -5.82 -11.98
CA MET D 40 8.41 -5.15 -12.82
C MET D 40 7.03 -5.27 -12.19
N ASP D 41 6.95 -5.97 -11.06
CA ASP D 41 5.67 -6.36 -10.47
C ASP D 41 5.27 -5.47 -9.29
N THR D 42 6.24 -4.98 -8.51
CA THR D 42 5.93 -4.33 -7.22
C THR D 42 5.76 -2.82 -7.34
N ASP D 43 4.70 -2.29 -6.74
CA ASP D 43 4.51 -0.85 -6.62
C ASP D 43 4.72 -0.14 -7.97
N GLY D 44 4.09 -0.64 -9.02
CA GLY D 44 4.23 -0.03 -10.34
C GLY D 44 5.39 -0.58 -11.17
N GLY D 45 6.35 -1.23 -10.52
CA GLY D 45 7.49 -1.85 -11.22
C GLY D 45 8.56 -0.88 -11.69
N GLY D 46 9.59 -1.41 -12.34
CA GLY D 46 10.68 -0.59 -12.83
C GLY D 46 11.78 -0.41 -11.79
N TRP D 47 11.83 -1.34 -10.83
CA TRP D 47 12.82 -1.33 -9.75
C TRP D 47 14.00 -2.20 -10.12
N THR D 48 15.20 -1.72 -9.80
CA THR D 48 16.41 -2.50 -9.93
C THR D 48 16.72 -3.03 -8.54
N VAL D 49 16.80 -4.36 -8.42
CA VAL D 49 16.99 -5.00 -7.13
C VAL D 49 18.48 -5.20 -6.89
N PHE D 50 19.00 -4.67 -5.80
CA PHE D 50 20.43 -4.81 -5.54
C PHE D 50 20.71 -5.75 -4.37
N GLN D 51 19.66 -6.16 -3.67
CA GLN D 51 19.79 -7.14 -2.60
C GLN D 51 18.61 -8.09 -2.56
N ARG D 52 18.87 -9.38 -2.36
CA ARG D 52 17.80 -10.36 -2.22
C ARG D 52 18.20 -11.52 -1.33
N ARG D 53 17.33 -11.81 -0.37
CA ARG D 53 17.43 -12.98 0.48
C ARG D 53 16.12 -13.73 0.33
N VAL D 54 16.19 -15.05 0.28
CA VAL D 54 14.98 -15.81 -0.01
C VAL D 54 14.96 -17.24 0.56
N ASP D 55 16.11 -17.81 0.91
CA ASP D 55 16.16 -19.20 1.37
C ASP D 55 17.41 -19.56 2.18
N GLY D 56 18.29 -18.59 2.39
CA GLY D 56 19.48 -18.81 3.20
C GLY D 56 20.56 -19.66 2.54
N SER D 57 20.50 -19.81 1.22
CA SER D 57 21.45 -20.65 0.52
C SER D 57 22.79 -19.94 0.29
N VAL D 58 22.82 -18.63 0.47
CA VAL D 58 24.05 -17.87 0.24
C VAL D 58 24.56 -17.25 1.56
N ASP D 59 25.86 -17.41 1.80
CA ASP D 59 26.54 -16.80 2.92
C ASP D 59 26.70 -15.29 2.68
N PHE D 60 26.13 -14.47 3.56
CA PHE D 60 26.22 -13.02 3.43
C PHE D 60 27.22 -12.44 4.42
N TYR D 61 27.86 -13.30 5.19
CA TYR D 61 28.85 -12.88 6.16
C TYR D 61 30.21 -12.79 5.46
N ARG D 62 30.36 -11.77 4.62
CA ARG D 62 31.49 -11.67 3.69
C ARG D 62 32.35 -10.45 3.93
N ASP D 63 33.54 -10.46 3.33
CA ASP D 63 34.52 -9.40 3.54
C ASP D 63 34.30 -8.20 2.62
N TRP D 64 35.11 -7.17 2.82
CA TRP D 64 35.00 -5.92 2.07
C TRP D 64 35.07 -6.09 0.56
N ALA D 65 36.08 -6.82 0.09
CA ALA D 65 36.32 -7.03 -1.34
C ALA D 65 35.14 -7.72 -2.01
N THR D 66 34.48 -8.61 -1.27
CA THR D 66 33.36 -9.38 -1.79
C THR D 66 32.11 -8.52 -1.91
N TYR D 67 31.83 -7.74 -0.88
CA TYR D 67 30.74 -6.77 -0.96
C TYR D 67 30.99 -5.71 -2.03
N LYS D 68 32.26 -5.35 -2.23
CA LYS D 68 32.63 -4.37 -3.24
C LYS D 68 32.23 -4.82 -4.64
N GLN D 69 32.56 -6.05 -5.00
CA GLN D 69 32.32 -6.55 -6.36
C GLN D 69 30.96 -7.23 -6.58
N GLY D 70 30.29 -7.61 -5.49
CA GLY D 70 29.01 -8.32 -5.58
C GLY D 70 29.25 -9.82 -5.46
N PHE D 71 28.21 -10.55 -5.06
CA PHE D 71 28.32 -11.98 -4.83
C PHE D 71 26.94 -12.58 -4.79
N GLY D 72 26.85 -13.89 -4.96
CA GLY D 72 25.59 -14.59 -4.91
C GLY D 72 25.24 -15.16 -6.27
N SER D 73 23.95 -15.28 -6.53
CA SER D 73 23.47 -15.98 -7.70
C SER D 73 22.23 -15.32 -8.31
N ARG D 74 22.18 -15.27 -9.63
CA ARG D 74 21.00 -14.77 -10.31
C ARG D 74 19.81 -15.71 -10.08
N LEU D 75 20.10 -16.94 -9.70
CA LEU D 75 19.06 -17.94 -9.45
C LEU D 75 18.42 -17.78 -8.08
N GLY D 76 18.99 -16.91 -7.24
CA GLY D 76 18.51 -16.82 -5.87
C GLY D 76 18.92 -15.57 -5.13
N GLU D 77 19.80 -15.74 -4.14
CA GLU D 77 20.19 -14.65 -3.27
C GLU D 77 21.44 -13.98 -3.80
N PHE D 78 21.54 -12.67 -3.61
CA PHE D 78 22.69 -11.93 -4.08
C PHE D 78 22.79 -10.55 -3.44
N TRP D 79 23.99 -9.99 -3.49
CA TRP D 79 24.25 -8.58 -3.24
C TRP D 79 24.89 -8.08 -4.53
N LEU D 80 24.35 -7.03 -5.13
CA LEU D 80 24.78 -6.59 -6.47
C LEU D 80 26.22 -6.07 -6.52
N GLY D 81 26.72 -5.58 -5.39
CA GLY D 81 28.07 -5.05 -5.33
C GLY D 81 28.06 -3.56 -5.08
N ASN D 82 28.87 -3.12 -4.13
CA ASN D 82 28.88 -1.71 -3.74
C ASN D 82 29.31 -0.76 -4.86
N ASP D 83 30.27 -1.17 -5.68
CA ASP D 83 30.67 -0.38 -6.85
C ASP D 83 29.50 -0.19 -7.82
N ASN D 84 28.75 -1.27 -8.04
CA ASN D 84 27.58 -1.22 -8.93
C ASN D 84 26.48 -0.34 -8.36
N ILE D 85 26.25 -0.48 -7.05
CA ILE D 85 25.21 0.28 -6.39
C ILE D 85 25.54 1.76 -6.43
N HIS D 86 26.82 2.09 -6.22
CA HIS D 86 27.24 3.47 -6.38
C HIS D 86 27.00 3.97 -7.81
N ALA D 87 27.48 3.22 -8.79
CA ALA D 87 27.30 3.61 -10.19
C ALA D 87 25.82 3.84 -10.50
N LEU D 88 25.03 2.93 -9.96
CA LEU D 88 23.61 2.85 -10.14
C LEU D 88 22.93 4.10 -9.64
N THR D 89 23.36 4.57 -8.47
CA THR D 89 22.68 5.64 -7.75
C THR D 89 23.26 7.04 -8.04
N SER D 94 16.66 9.08 -7.43
CA SER D 94 16.62 7.60 -7.30
C SER D 94 16.24 7.10 -5.90
N GLU D 95 15.15 6.36 -5.82
CA GLU D 95 14.53 6.04 -4.53
C GLU D 95 14.70 4.58 -4.08
N LEU D 96 14.62 4.37 -2.77
CA LEU D 96 14.77 3.04 -2.21
C LEU D 96 13.46 2.49 -1.68
N ARG D 97 13.22 1.23 -1.98
CA ARG D 97 12.11 0.49 -1.41
C ARG D 97 12.64 -0.84 -0.89
N THR D 98 12.27 -1.17 0.36
CA THR D 98 12.67 -2.43 0.98
C THR D 98 11.44 -3.29 1.18
N ASP D 99 11.47 -4.53 0.69
CA ASP D 99 10.35 -5.45 0.85
C ASP D 99 10.76 -6.60 1.76
N LEU D 100 9.85 -6.98 2.65
CA LEU D 100 10.11 -8.00 3.66
C LEU D 100 8.90 -8.92 3.81
N VAL D 101 9.13 -10.25 3.78
CA VAL D 101 8.05 -11.24 3.88
C VAL D 101 8.37 -12.34 4.89
N ASP D 102 7.33 -12.88 5.54
CA ASP D 102 7.50 -13.96 6.53
C ASP D 102 6.94 -15.32 6.11
N PHE D 103 7.10 -16.30 6.97
CA PHE D 103 6.73 -17.68 6.64
C PHE D 103 5.23 -17.94 6.79
N GLU D 104 4.49 -16.93 7.28
CA GLU D 104 3.03 -16.96 7.31
C GLU D 104 2.49 -16.18 6.14
N ASP D 105 3.41 -15.56 5.39
CA ASP D 105 3.11 -14.86 4.15
C ASP D 105 2.59 -13.42 4.33
N ASN D 106 2.87 -12.81 5.47
CA ASN D 106 2.57 -11.39 5.66
C ASN D 106 3.60 -10.49 4.94
N TYR D 107 3.11 -9.56 4.12
CA TYR D 107 3.96 -8.66 3.36
C TYR D 107 4.11 -7.31 4.07
N GLN D 108 5.35 -6.85 4.20
CA GLN D 108 5.62 -5.52 4.75
C GLN D 108 6.45 -4.73 3.74
N PHE D 109 6.70 -3.45 4.04
CA PHE D 109 7.58 -2.62 3.20
C PHE D 109 7.98 -1.29 3.87
N ALA D 110 9.07 -0.69 3.39
CA ALA D 110 9.47 0.65 3.79
C ALA D 110 10.02 1.41 2.57
N LYS D 111 9.65 2.67 2.43
CA LYS D 111 9.97 3.44 1.23
C LYS D 111 10.66 4.76 1.53
N TYR D 112 11.79 4.98 0.85
CA TYR D 112 12.55 6.22 1.04
C TYR D 112 12.62 7.09 -0.22
N ARG D 113 12.55 8.41 -0.01
CA ARG D 113 12.47 9.36 -1.13
C ARG D 113 13.69 9.28 -2.04
N SER D 114 14.88 9.20 -1.43
CA SER D 114 16.12 9.14 -2.18
C SER D 114 17.09 8.22 -1.48
N PHE D 115 18.04 7.71 -2.24
CA PHE D 115 19.00 6.76 -1.71
C PHE D 115 20.21 6.77 -2.62
N LYS D 116 21.37 6.98 -2.02
CA LYS D 116 22.61 7.05 -2.77
C LYS D 116 23.70 6.47 -1.89
N VAL D 117 24.58 5.65 -2.47
CA VAL D 117 25.80 5.31 -1.76
C VAL D 117 26.99 5.96 -2.48
N ALA D 118 27.89 6.55 -1.69
CA ALA D 118 29.10 7.15 -2.23
C ALA D 118 30.07 6.09 -2.76
N ASP D 119 31.22 6.50 -3.27
CA ASP D 119 32.19 5.57 -3.84
C ASP D 119 33.07 4.96 -2.76
N GLU D 120 34.02 4.11 -3.16
CA GLU D 120 34.83 3.37 -2.19
C GLU D 120 35.68 4.28 -1.33
N ALA D 121 36.12 5.39 -1.92
CA ALA D 121 36.94 6.35 -1.20
C ALA D 121 36.18 6.89 0.00
N GLU D 122 34.88 7.08 -0.18
CA GLU D 122 34.00 7.51 0.90
C GLU D 122 33.36 6.31 1.62
N LYS D 123 34.04 5.18 1.58
CA LYS D 123 33.58 3.91 2.17
C LYS D 123 32.10 3.55 1.91
N TYR D 124 31.62 3.88 0.71
CA TYR D 124 30.22 3.64 0.32
C TYR D 124 29.22 4.25 1.30
N ASN D 125 29.67 5.28 2.02
CA ASN D 125 28.81 6.08 2.88
C ASN D 125 27.34 6.11 2.42
N LEU D 126 26.43 5.90 3.38
CA LEU D 126 25.00 5.94 3.10
C LEU D 126 24.43 7.36 3.09
N VAL D 127 24.20 7.90 1.90
CA VAL D 127 23.46 9.14 1.76
C VAL D 127 22.01 8.77 1.47
N LEU D 128 21.18 8.81 2.52
CA LEU D 128 19.79 8.33 2.44
C LEU D 128 18.79 9.46 2.61
N GLY D 129 17.68 9.38 1.88
CA GLY D 129 16.64 10.40 1.96
C GLY D 129 15.58 10.17 3.03
N ALA D 130 14.54 11.00 3.00
CA ALA D 130 13.46 10.94 3.98
C ALA D 130 12.61 9.67 3.86
N PHE D 131 12.01 9.27 5.00
CA PHE D 131 11.08 8.16 5.01
C PHE D 131 9.77 8.63 4.40
N VAL D 132 9.21 7.83 3.49
CA VAL D 132 7.98 8.22 2.80
C VAL D 132 6.76 7.52 3.41
N GLU D 133 6.85 6.21 3.57
CA GLU D 133 5.77 5.40 4.10
C GLU D 133 6.30 3.98 4.28
N GLY D 134 5.51 3.12 4.91
CA GLY D 134 5.90 1.73 5.03
C GLY D 134 5.34 0.98 6.22
N SER D 135 4.49 0.00 5.94
CA SER D 135 4.06 -0.98 6.95
C SER D 135 5.30 -1.76 7.37
N ALA D 136 6.01 -1.25 8.37
CA ALA D 136 7.31 -1.80 8.72
C ALA D 136 8.16 -0.79 9.48
N GLY D 137 7.83 0.50 9.28
CA GLY D 137 8.54 1.58 9.96
C GLY D 137 9.91 1.86 9.41
N ASP D 138 10.49 2.98 9.85
CA ASP D 138 11.82 3.43 9.42
C ASP D 138 12.92 2.80 10.26
N SER D 139 13.80 2.04 9.61
CA SER D 139 14.91 1.41 10.33
C SER D 139 16.25 1.57 9.60
N LEU D 140 16.35 2.68 8.84
CA LEU D 140 17.57 2.95 8.08
C LEU D 140 18.06 4.38 8.31
N THR D 141 17.27 5.16 9.06
CA THR D 141 17.68 6.48 9.52
C THR D 141 18.20 6.43 10.97
N HIS D 143 21.25 4.93 10.63
CA HIS D 143 22.22 4.43 9.65
C HIS D 143 22.65 5.50 8.65
N ASN D 144 21.84 6.55 8.55
CA ASN D 144 22.09 7.63 7.60
C ASN D 144 23.44 8.30 7.89
N ASN D 145 24.19 8.57 6.83
CA ASN D 145 25.48 9.27 6.95
C ASN D 145 26.54 8.38 7.61
N GLN D 146 26.49 7.09 7.29
CA GLN D 146 27.39 6.13 7.92
C GLN D 146 28.11 5.25 6.90
N SER D 147 29.43 5.11 7.11
CA SER D 147 30.25 4.24 6.26
C SER D 147 29.74 2.81 6.29
N PHE D 148 30.02 2.06 5.23
CA PHE D 148 29.74 0.64 5.20
C PHE D 148 30.81 -0.09 6.01
N SER D 149 30.44 -1.27 6.55
CA SER D 149 31.37 -2.04 7.39
C SER D 149 31.30 -3.55 7.12
N THR D 150 32.44 -4.13 6.80
CA THR D 150 32.57 -5.59 6.73
C THR D 150 33.46 -6.04 7.88
N LYS D 151 33.37 -7.34 8.18
CA LYS D 151 34.14 -7.94 9.26
C LYS D 151 35.63 -7.60 9.16
N ASP D 152 36.14 -7.52 7.94
CA ASP D 152 37.56 -7.23 7.73
C ASP D 152 37.87 -5.75 7.56
N GLN D 153 36.83 -4.93 7.37
CA GLN D 153 37.02 -3.48 7.30
C GLN D 153 36.15 -2.76 8.31
N ASP D 154 36.68 -2.57 9.52
CA ASP D 154 35.94 -1.90 10.57
C ASP D 154 35.85 -0.39 10.30
N ASN D 155 34.62 0.12 10.34
CA ASN D 155 34.39 1.55 10.16
C ASN D 155 33.30 2.07 11.08
N ASP D 156 32.81 1.22 11.98
CA ASP D 156 31.72 1.59 12.87
C ASP D 156 32.14 2.54 14.00
N LEU D 157 31.13 3.13 14.65
CA LEU D 157 31.36 4.00 15.79
C LEU D 157 31.53 3.18 17.06
N ASN D 158 31.21 1.89 16.97
CA ASN D 158 31.30 1.00 18.11
C ASN D 158 32.63 0.28 18.24
N THR D 159 33.29 0.49 19.38
CA THR D 159 34.52 -0.21 19.74
C THR D 159 34.34 -1.72 19.65
N GLY D 160 33.09 -2.14 19.53
CA GLY D 160 32.76 -3.54 19.26
C GLY D 160 32.41 -3.70 17.79
N ASN D 161 32.91 -4.77 17.19
CA ASN D 161 32.69 -5.01 15.76
C ASN D 161 31.26 -5.43 15.52
N CYS D 162 30.45 -4.49 15.03
CA CYS D 162 29.05 -4.74 14.77
C CYS D 162 28.89 -5.87 13.76
N ALA D 163 29.60 -5.74 12.62
CA ALA D 163 29.54 -6.74 11.57
C ALA D 163 29.77 -8.15 12.12
N VAL D 164 30.67 -8.26 13.10
CA VAL D 164 31.00 -9.55 13.68
C VAL D 164 29.97 -9.96 14.72
N MET D 165 29.59 -9.02 15.59
CA MET D 165 28.67 -9.28 16.68
C MET D 165 27.25 -9.63 16.22
N PHE D 166 26.82 -9.10 15.07
CA PHE D 166 25.53 -9.47 14.49
C PHE D 166 25.68 -10.17 13.14
N GLN D 167 26.92 -10.58 12.83
CA GLN D 167 27.21 -11.43 11.68
C GLN D 167 26.54 -10.98 10.40
N GLY D 168 27.03 -9.88 9.84
CA GLY D 168 26.47 -9.38 8.60
C GLY D 168 27.29 -8.24 8.06
N ALA D 169 26.65 -7.42 7.24
CA ALA D 169 27.27 -6.25 6.69
C ALA D 169 26.22 -5.17 6.65
N TRP D 170 26.62 -3.96 7.04
CA TRP D 170 25.68 -2.86 7.04
C TRP D 170 26.41 -1.54 7.30
N TRP D 171 25.67 -0.44 7.25
CA TRP D 171 26.21 0.86 7.59
C TRP D 171 26.13 1.02 9.09
N TYR D 172 26.95 0.22 9.79
CA TYR D 172 26.88 0.11 11.24
C TYR D 172 27.33 1.38 11.95
N LYS D 173 26.68 1.65 13.09
CA LYS D 173 27.07 2.73 13.99
C LYS D 173 27.39 2.15 15.35
N ASN D 174 26.34 1.97 16.17
CA ASN D 174 26.52 1.44 17.53
C ASN D 174 25.27 0.76 18.11
N CYS D 175 24.80 -0.32 17.48
CA CYS D 175 25.34 -0.78 16.19
C CYS D 175 24.33 -0.72 15.06
N HIS D 176 23.09 -1.21 15.33
CA HIS D 176 22.07 -1.20 14.27
C HIS D 176 20.60 -1.17 14.73
N THR D 177 19.74 -0.71 13.75
CA THR D 177 18.30 -0.95 13.86
C THR D 177 17.82 -1.89 12.73
N SER D 178 18.60 -2.00 11.64
CA SER D 178 18.31 -2.99 10.59
C SER D 178 19.57 -3.75 10.25
N ASN D 179 19.43 -4.98 9.74
CA ASN D 179 20.57 -5.86 9.55
C ASN D 179 20.26 -6.87 8.45
N LEU D 180 19.85 -6.36 7.30
CA LEU D 180 19.29 -7.20 6.24
C LEU D 180 20.30 -8.16 5.60
N ASN D 181 21.58 -7.89 5.78
CA ASN D 181 22.65 -8.80 5.34
C ASN D 181 23.11 -9.70 6.49
N GLY D 182 22.26 -9.86 7.50
CA GLY D 182 22.54 -10.70 8.66
C GLY D 182 22.30 -12.18 8.35
N ARG D 183 22.40 -13.02 9.37
CA ARG D 183 22.30 -14.46 9.15
C ARG D 183 20.88 -14.86 8.81
N TYR D 184 20.73 -15.92 8.02
CA TYR D 184 19.40 -16.40 7.65
C TYR D 184 18.89 -17.34 8.73
N LEU D 185 18.29 -16.77 9.79
CA LEU D 185 17.98 -17.54 10.99
C LEU D 185 16.57 -18.14 11.05
N ARG D 186 15.73 -17.85 10.05
CA ARG D 186 14.42 -18.51 9.93
C ARG D 186 13.43 -18.22 11.07
N GLY D 187 13.00 -16.97 11.20
CA GLY D 187 12.08 -16.59 12.28
C GLY D 187 12.76 -15.99 13.51
N THR D 188 12.14 -16.14 14.68
CA THR D 188 12.65 -15.54 15.92
C THR D 188 13.92 -16.22 16.46
N HIS D 189 14.86 -15.38 16.91
CA HIS D 189 16.13 -15.86 17.46
C HIS D 189 16.49 -15.13 18.76
N GLY D 195 20.23 -11.71 12.99
CA GLY D 195 19.52 -12.27 11.85
C GLY D 195 19.14 -11.19 10.86
N ILE D 196 18.24 -11.54 9.94
CA ILE D 196 17.74 -10.59 8.97
C ILE D 196 16.66 -9.77 9.66
N ASN D 197 17.11 -8.76 10.40
CA ASN D 197 16.27 -8.03 11.34
C ASN D 197 15.96 -6.62 10.89
N TRP D 198 14.76 -6.17 11.24
CA TRP D 198 14.30 -4.81 10.99
C TRP D 198 13.57 -4.42 12.26
N LYS D 199 14.21 -3.64 13.13
CA LYS D 199 13.68 -3.40 14.47
C LYS D 199 12.21 -2.97 14.49
N SER D 200 11.88 -1.92 13.75
CA SER D 200 10.50 -1.43 13.72
C SER D 200 9.55 -2.46 13.09
N GLY D 201 10.10 -3.46 12.42
CA GLY D 201 9.28 -4.49 11.80
C GLY D 201 8.96 -5.61 12.78
N LYS D 202 9.75 -6.68 12.75
CA LYS D 202 9.50 -7.86 13.58
C LYS D 202 10.39 -8.02 14.81
N GLY D 203 11.54 -7.30 14.83
CA GLY D 203 12.43 -7.34 15.99
C GLY D 203 12.92 -8.78 16.39
N TYR D 206 13.60 -11.71 15.26
CA TYR D 206 12.88 -12.38 14.17
C TYR D 206 13.52 -12.15 12.79
N SER D 207 13.87 -13.25 12.12
CA SER D 207 14.56 -13.23 10.84
C SER D 207 13.59 -13.54 9.69
N TYR D 208 13.46 -12.61 8.74
CA TYR D 208 12.45 -12.71 7.67
C TYR D 208 12.69 -13.84 6.67
N LYS D 209 11.63 -14.31 6.02
CA LYS D 209 11.75 -15.31 4.95
C LYS D 209 12.31 -14.70 3.69
N VAL D 210 11.80 -13.52 3.35
CA VAL D 210 12.20 -12.85 2.13
C VAL D 210 12.57 -11.42 2.45
N SER D 211 13.66 -10.96 1.85
CA SER D 211 14.08 -9.59 1.94
C SER D 211 14.54 -9.11 0.56
N GLU D 212 14.10 -7.91 0.17
CA GLU D 212 14.56 -7.32 -1.09
C GLU D 212 14.80 -5.83 -0.97
N MET D 213 15.94 -5.37 -1.47
CA MET D 213 16.24 -3.95 -1.54
C MET D 213 16.34 -3.53 -3.01
N LYS D 214 15.63 -2.47 -3.37
CA LYS D 214 15.51 -2.07 -4.77
C LYS D 214 15.44 -0.56 -5.02
N VAL D 215 15.86 -0.13 -6.21
CA VAL D 215 15.87 1.30 -6.56
C VAL D 215 15.14 1.63 -7.85
N ARG D 216 14.69 2.87 -7.94
CA ARG D 216 13.96 3.35 -9.11
C ARG D 216 14.17 4.85 -9.20
N PRO D 217 14.26 5.39 -10.43
CA PRO D 217 14.30 6.84 -10.55
C PRO D 217 13.14 7.44 -9.75
N ALA D 218 13.47 8.31 -8.79
CA ALA D 218 12.50 8.77 -7.80
C ALA D 218 11.56 9.84 -8.33
N ASN E 1 32.35 -13.45 -36.22
CA ASN E 1 33.51 -12.87 -35.47
C ASN E 1 33.53 -13.06 -33.93
N PRO E 2 32.39 -13.47 -33.33
CA PRO E 2 32.25 -13.41 -31.88
C PRO E 2 33.00 -14.50 -31.13
N CYS E 3 33.39 -15.57 -31.82
CA CYS E 3 34.05 -16.67 -31.14
C CYS E 3 35.39 -16.26 -30.57
N LEU E 4 36.18 -15.57 -31.40
CA LEU E 4 37.56 -15.25 -31.06
C LEU E 4 37.66 -14.19 -29.96
N THR E 5 36.63 -13.36 -29.82
CA THR E 5 36.62 -12.37 -28.74
C THR E 5 35.84 -12.81 -27.50
N GLY E 6 34.97 -13.80 -27.65
CA GLY E 6 34.12 -14.22 -26.55
C GLY E 6 34.87 -15.06 -25.55
N PRO E 7 34.28 -15.29 -24.36
CA PRO E 7 34.92 -16.10 -23.32
C PRO E 7 34.87 -17.57 -23.70
N ARG E 8 35.81 -18.35 -23.18
CA ARG E 8 35.80 -19.79 -23.42
C ARG E 8 35.49 -20.58 -22.14
N THR E 9 35.55 -19.91 -20.98
CA THR E 9 35.17 -20.56 -19.71
C THR E 9 34.51 -19.57 -18.77
N CYS E 10 33.92 -20.08 -17.69
CA CYS E 10 33.35 -19.24 -16.66
C CYS E 10 34.45 -18.44 -15.94
N LYS E 11 35.64 -19.01 -15.87
CA LYS E 11 36.80 -18.32 -15.29
C LYS E 11 37.16 -17.06 -16.09
N ASP E 12 37.12 -17.16 -17.42
CA ASP E 12 37.31 -15.99 -18.29
C ASP E 12 36.29 -14.91 -17.95
N LEU E 13 35.04 -15.33 -17.79
CA LEU E 13 33.95 -14.40 -17.48
C LEU E 13 34.19 -13.70 -16.15
N LEU E 14 34.57 -14.46 -15.14
CA LEU E 14 34.88 -13.91 -13.84
C LEU E 14 36.01 -12.88 -13.97
N ASP E 15 37.02 -13.20 -14.80
CA ASP E 15 38.11 -12.26 -15.14
C ASP E 15 37.64 -11.04 -15.90
N ARG E 16 36.52 -11.14 -16.62
CA ARG E 16 35.97 -9.96 -17.29
C ARG E 16 34.99 -9.20 -16.40
N GLY E 17 34.97 -9.52 -15.12
CA GLY E 17 34.14 -8.76 -14.19
C GLY E 17 32.69 -9.21 -14.10
N HIS E 18 32.41 -10.49 -14.36
CA HIS E 18 31.07 -11.03 -14.13
C HIS E 18 31.03 -11.72 -12.76
N PHE E 19 30.50 -11.02 -11.76
CA PHE E 19 30.60 -11.51 -10.38
C PHE E 19 29.39 -12.28 -9.85
N LEU E 20 28.29 -12.27 -10.59
CA LEU E 20 27.08 -12.98 -10.19
C LEU E 20 27.00 -14.31 -10.90
N SER E 21 26.70 -15.36 -10.15
CA SER E 21 26.44 -16.65 -10.74
C SER E 21 25.23 -16.55 -11.67
N GLY E 22 25.22 -17.39 -12.70
CA GLY E 22 24.15 -17.32 -13.67
C GLY E 22 24.56 -17.91 -14.99
N TRP E 23 23.63 -17.92 -15.93
CA TRP E 23 23.83 -18.51 -17.24
C TRP E 23 24.46 -17.51 -18.18
N HIS E 24 25.62 -17.87 -18.72
CA HIS E 24 26.32 -17.03 -19.68
C HIS E 24 26.68 -17.94 -20.84
N THR E 25 26.87 -17.34 -22.01
CA THR E 25 27.36 -18.13 -23.13
C THR E 25 28.89 -18.06 -23.24
N ILE E 26 29.50 -19.21 -23.50
CA ILE E 26 30.94 -19.31 -23.68
C ILE E 26 31.18 -19.98 -25.02
N TYR E 27 32.37 -19.88 -25.58
CA TYR E 27 32.56 -20.51 -26.87
C TYR E 27 33.42 -21.76 -26.75
N LEU E 28 32.83 -22.90 -27.10
CA LEU E 28 33.54 -24.15 -27.08
C LEU E 28 34.75 -24.07 -28.01
N PRO E 29 35.69 -25.03 -27.88
CA PRO E 29 36.93 -25.07 -28.68
C PRO E 29 36.68 -25.11 -30.19
N ASP E 30 35.54 -25.68 -30.59
CA ASP E 30 35.13 -25.76 -31.98
C ASP E 30 34.35 -24.51 -32.38
N CYS E 31 34.34 -23.53 -31.47
CA CYS E 31 33.63 -22.25 -31.62
C CYS E 31 32.10 -22.31 -31.49
N ARG E 32 31.57 -23.48 -31.17
CA ARG E 32 30.14 -23.57 -30.87
C ARG E 32 29.78 -22.81 -29.58
N PRO E 33 28.77 -21.93 -29.65
CA PRO E 33 28.27 -21.29 -28.44
C PRO E 33 27.59 -22.32 -27.56
N LEU E 34 27.69 -22.14 -26.24
CA LEU E 34 26.96 -22.96 -25.26
C LEU E 34 26.63 -22.09 -24.05
N THR E 35 25.36 -22.06 -23.68
CA THR E 35 24.95 -21.29 -22.52
C THR E 35 25.11 -22.13 -21.25
N VAL E 36 26.05 -21.74 -20.38
CA VAL E 36 26.37 -22.54 -19.20
C VAL E 36 26.07 -21.79 -17.93
N LEU E 37 25.93 -22.54 -16.84
CA LEU E 37 25.73 -21.96 -15.52
C LEU E 37 27.09 -21.74 -14.90
N CYS E 38 27.42 -20.49 -14.63
CA CYS E 38 28.67 -20.14 -13.98
C CYS E 38 28.45 -19.99 -12.47
N ASP E 39 29.25 -20.69 -11.67
CA ASP E 39 29.24 -20.48 -10.23
C ASP E 39 30.37 -19.51 -9.89
N MET E 40 30.01 -18.27 -9.59
CA MET E 40 31.00 -17.22 -9.34
C MET E 40 31.19 -17.03 -7.84
N ASP E 41 30.45 -17.79 -7.05
CA ASP E 41 30.36 -17.58 -5.60
C ASP E 41 31.23 -18.56 -4.80
N THR E 42 31.37 -19.80 -5.27
CA THR E 42 31.96 -20.88 -4.47
C THR E 42 33.46 -21.02 -4.67
N ASP E 43 34.20 -21.13 -3.56
CA ASP E 43 35.62 -21.43 -3.62
C ASP E 43 36.37 -20.57 -4.63
N GLY E 44 36.15 -19.26 -4.58
CA GLY E 44 36.81 -18.34 -5.52
C GLY E 44 36.05 -18.11 -6.80
N GLY E 45 35.11 -18.99 -7.13
CA GLY E 45 34.28 -18.83 -8.33
C GLY E 45 34.95 -19.16 -9.65
N GLY E 46 34.22 -19.01 -10.75
CA GLY E 46 34.76 -19.33 -12.06
C GLY E 46 34.53 -20.78 -12.45
N TRP E 47 33.54 -21.41 -11.81
CA TRP E 47 33.20 -22.80 -12.06
C TRP E 47 32.08 -22.89 -13.07
N THR E 48 32.18 -23.86 -13.97
CA THR E 48 31.12 -24.18 -14.89
C THR E 48 30.40 -25.38 -14.31
N VAL E 49 29.10 -25.23 -14.07
CA VAL E 49 28.32 -26.28 -13.43
C VAL E 49 27.69 -27.17 -14.49
N PHE E 50 27.97 -28.47 -14.44
CA PHE E 50 27.43 -29.36 -15.46
C PHE E 50 26.35 -30.27 -14.90
N GLN E 51 26.17 -30.24 -13.58
CA GLN E 51 25.10 -31.00 -12.93
C GLN E 51 24.50 -30.24 -11.75
N ARG E 52 23.18 -30.26 -11.65
CA ARG E 52 22.52 -29.62 -10.51
C ARG E 52 21.19 -30.26 -10.13
N ARG E 53 21.09 -30.65 -8.85
CA ARG E 53 19.87 -31.17 -8.27
C ARG E 53 19.52 -30.23 -7.13
N VAL E 54 18.23 -29.92 -6.97
CA VAL E 54 17.86 -28.93 -5.99
C VAL E 54 16.44 -29.08 -5.40
N ASP E 55 15.56 -29.83 -6.07
CA ASP E 55 14.16 -29.93 -5.60
C ASP E 55 13.42 -31.14 -6.12
N GLY E 56 14.09 -31.98 -6.93
CA GLY E 56 13.48 -33.20 -7.44
C GLY E 56 12.43 -32.99 -8.52
N SER E 57 12.42 -31.81 -9.15
CA SER E 57 11.42 -31.51 -10.16
C SER E 57 11.76 -32.12 -11.52
N VAL E 58 13.00 -32.57 -11.69
CA VAL E 58 13.41 -33.17 -12.96
C VAL E 58 13.74 -34.66 -12.80
N ASP E 59 13.22 -35.47 -13.71
CA ASP E 59 13.52 -36.88 -13.78
C ASP E 59 14.94 -37.09 -14.34
N PHE E 60 15.80 -37.73 -13.54
CA PHE E 60 17.19 -37.97 -13.94
C PHE E 60 17.39 -39.43 -14.36
N TYR E 61 16.31 -40.21 -14.32
CA TYR E 61 16.37 -41.60 -14.70
C TYR E 61 16.14 -41.70 -16.21
N ARG E 62 17.15 -41.31 -16.98
CA ARG E 62 17.03 -41.10 -18.42
C ARG E 62 17.94 -41.99 -19.23
N ASP E 63 17.67 -42.06 -20.53
CA ASP E 63 18.39 -42.96 -21.42
C ASP E 63 19.69 -42.33 -21.96
N TRP E 64 20.44 -43.13 -22.70
CA TRP E 64 21.74 -42.72 -23.24
C TRP E 64 21.69 -41.44 -24.07
N ALA E 65 20.75 -41.39 -25.02
CA ALA E 65 20.61 -40.25 -25.94
C ALA E 65 20.33 -38.95 -25.20
N THR E 66 19.60 -39.06 -24.09
CA THR E 66 19.20 -37.90 -23.31
C THR E 66 20.38 -37.37 -22.49
N TYR E 67 21.11 -38.27 -21.85
CA TYR E 67 22.34 -37.88 -21.17
C TYR E 67 23.39 -37.33 -22.15
N LYS E 68 23.40 -37.86 -23.37
CA LYS E 68 24.33 -37.41 -24.39
C LYS E 68 24.15 -35.93 -24.72
N GLN E 69 22.90 -35.53 -24.96
CA GLN E 69 22.61 -34.16 -25.40
C GLN E 69 22.35 -33.15 -24.26
N GLY E 70 22.07 -33.65 -23.06
CA GLY E 70 21.74 -32.79 -21.93
C GLY E 70 20.22 -32.68 -21.78
N PHE E 71 19.76 -32.35 -20.58
CA PHE E 71 18.34 -32.28 -20.29
C PHE E 71 18.14 -31.51 -19.00
N GLY E 72 16.93 -31.03 -18.79
CA GLY E 72 16.59 -30.30 -17.58
C GLY E 72 16.26 -28.87 -17.91
N SER E 73 16.51 -27.98 -16.96
CA SER E 73 16.08 -26.60 -17.07
C SER E 73 17.10 -25.62 -16.48
N ARG E 74 17.27 -24.49 -17.15
CA ARG E 74 18.15 -23.45 -16.62
C ARG E 74 17.55 -22.84 -15.36
N LEU E 75 16.25 -23.05 -15.16
CA LEU E 75 15.55 -22.53 -14.00
C LEU E 75 15.77 -23.40 -12.77
N GLY E 76 16.37 -24.57 -12.94
CA GLY E 76 16.46 -25.51 -11.83
C GLY E 76 17.47 -26.61 -12.01
N GLU E 77 16.98 -27.84 -12.17
CA GLU E 77 17.85 -29.01 -12.23
C GLU E 77 18.21 -29.32 -13.68
N PHE E 78 19.42 -29.82 -13.90
CA PHE E 78 19.85 -30.15 -15.24
C PHE E 78 21.09 -31.05 -15.22
N TRP E 79 21.31 -31.71 -16.36
CA TRP E 79 22.57 -32.35 -16.70
C TRP E 79 22.99 -31.70 -18.00
N LEU E 80 24.20 -31.16 -18.07
CA LEU E 80 24.63 -30.34 -19.22
C LEU E 80 24.74 -31.11 -20.53
N GLY E 81 24.98 -32.43 -20.43
CA GLY E 81 25.11 -33.26 -21.61
C GLY E 81 26.52 -33.78 -21.74
N ASN E 82 26.63 -35.08 -22.00
CA ASN E 82 27.94 -35.72 -22.05
C ASN E 82 28.84 -35.20 -23.18
N ASP E 83 28.26 -34.89 -24.34
CA ASP E 83 29.01 -34.26 -25.43
C ASP E 83 29.59 -32.92 -25.01
N ASN E 84 28.79 -32.12 -24.31
CA ASN E 84 29.24 -30.82 -23.83
C ASN E 84 30.32 -30.94 -22.78
N ILE E 85 30.14 -31.89 -21.87
CA ILE E 85 31.08 -32.11 -20.79
C ILE E 85 32.42 -32.56 -21.37
N HIS E 86 32.37 -33.44 -22.36
CA HIS E 86 33.59 -33.82 -23.05
C HIS E 86 34.25 -32.60 -23.70
N ALA E 87 33.50 -31.85 -24.50
CA ALA E 87 34.05 -30.67 -25.16
C ALA E 87 34.71 -29.72 -24.14
N LEU E 88 34.07 -29.54 -23.00
CA LEU E 88 34.57 -28.66 -21.96
C LEU E 88 35.81 -29.17 -21.24
N THR E 89 36.10 -30.46 -21.32
CA THR E 89 37.23 -30.99 -20.57
C THR E 89 38.28 -31.68 -21.47
N ALA E 90 38.00 -31.76 -22.77
CA ALA E 90 38.86 -32.45 -23.73
C ALA E 90 40.30 -31.99 -23.73
N GLN E 91 40.52 -30.68 -23.55
CA GLN E 91 41.86 -30.18 -23.78
C GLN E 91 42.41 -29.30 -22.67
N GLY E 92 43.27 -29.86 -21.83
CA GLY E 92 43.88 -29.11 -20.71
C GLY E 92 43.51 -29.67 -19.34
N THR E 93 43.57 -28.82 -18.31
CA THR E 93 43.40 -29.34 -16.97
C THR E 93 42.29 -28.63 -16.23
N SER E 94 41.15 -29.30 -16.09
CA SER E 94 40.06 -28.78 -15.32
C SER E 94 40.03 -29.47 -13.98
N GLU E 95 39.98 -28.71 -12.90
CA GLU E 95 39.71 -29.29 -11.60
C GLU E 95 38.21 -29.50 -11.48
N LEU E 96 37.82 -30.49 -10.68
CA LEU E 96 36.43 -30.77 -10.36
C LEU E 96 36.06 -30.50 -8.89
N ARG E 97 34.91 -29.89 -8.68
CA ARG E 97 34.34 -29.72 -7.33
C ARG E 97 32.91 -30.26 -7.25
N THR E 98 32.62 -30.98 -6.15
CA THR E 98 31.26 -31.47 -5.86
C THR E 98 30.72 -30.80 -4.58
N ASP E 99 29.55 -30.18 -4.66
CA ASP E 99 28.93 -29.55 -3.49
C ASP E 99 27.60 -30.19 -3.15
N LEU E 100 27.46 -30.54 -1.87
CA LEU E 100 26.32 -31.30 -1.36
C LEU E 100 25.68 -30.61 -0.15
N VAL E 101 24.35 -30.60 -0.11
CA VAL E 101 23.66 -30.05 1.04
C VAL E 101 22.62 -31.04 1.53
N ASP E 102 22.65 -31.34 2.83
CA ASP E 102 21.65 -32.23 3.38
C ASP E 102 20.41 -31.40 3.76
N PHE E 103 19.38 -32.05 4.29
CA PHE E 103 18.13 -31.36 4.60
C PHE E 103 18.19 -30.74 5.99
N GLU E 104 19.38 -30.62 6.55
CA GLU E 104 19.56 -29.87 7.81
C GLU E 104 20.57 -28.77 7.60
N ASP E 105 20.74 -28.39 6.34
CA ASP E 105 21.62 -27.30 5.96
C ASP E 105 23.12 -27.58 6.20
N ASN E 106 23.50 -28.85 6.25
CA ASN E 106 24.92 -29.15 6.30
C ASN E 106 25.48 -29.15 4.91
N TYR E 107 26.46 -28.28 4.67
CA TYR E 107 27.18 -28.19 3.39
C TYR E 107 28.41 -29.07 3.44
N GLN E 108 28.63 -29.83 2.38
CA GLN E 108 29.76 -30.72 2.29
C GLN E 108 30.30 -30.67 0.86
N PHE E 109 31.58 -30.92 0.68
CA PHE E 109 32.15 -30.90 -0.66
C PHE E 109 33.26 -31.92 -0.88
N ALA E 110 33.57 -32.19 -2.13
CA ALA E 110 34.76 -32.95 -2.47
C ALA E 110 35.44 -32.29 -3.66
N LYS E 111 36.77 -32.20 -3.61
CA LYS E 111 37.52 -31.64 -4.73
C LYS E 111 38.56 -32.62 -5.36
N TYR E 112 38.62 -32.65 -6.69
CA TYR E 112 39.64 -33.46 -7.42
C TYR E 112 40.56 -32.61 -8.31
N ARG E 113 41.80 -33.05 -8.44
CA ARG E 113 42.82 -32.28 -9.16
C ARG E 113 42.58 -32.11 -10.66
N SER E 114 41.98 -33.13 -11.25
CA SER E 114 41.66 -33.08 -12.67
C SER E 114 40.45 -33.96 -12.93
N PHE E 115 39.78 -33.68 -14.03
CA PHE E 115 38.56 -34.39 -14.37
C PHE E 115 38.34 -34.23 -15.85
N LYS E 116 38.17 -35.36 -16.53
CA LYS E 116 37.96 -35.34 -17.96
C LYS E 116 37.03 -36.49 -18.30
N VAL E 117 36.06 -36.26 -19.18
CA VAL E 117 35.33 -37.39 -19.75
C VAL E 117 35.69 -37.51 -21.22
N ALA E 118 35.95 -38.74 -21.66
CA ALA E 118 36.26 -39.02 -23.07
C ALA E 118 35.00 -38.82 -23.94
N ASP E 119 35.14 -39.06 -25.25
CA ASP E 119 34.03 -38.85 -26.18
C ASP E 119 33.12 -40.06 -26.23
N GLU E 120 32.08 -40.02 -27.07
CA GLU E 120 31.06 -41.07 -27.08
C GLU E 120 31.63 -42.41 -27.50
N ALA E 121 32.63 -42.38 -28.37
CA ALA E 121 33.26 -43.60 -28.85
C ALA E 121 33.89 -44.34 -27.67
N GLU E 122 34.49 -43.57 -26.75
CA GLU E 122 35.05 -44.12 -25.52
C GLU E 122 33.99 -44.18 -24.42
N LYS E 123 32.73 -44.00 -24.79
CA LYS E 123 31.62 -44.08 -23.84
C LYS E 123 31.82 -43.13 -22.66
N TYR E 124 32.33 -41.94 -22.95
CA TYR E 124 32.50 -40.92 -21.92
C TYR E 124 33.28 -41.40 -20.69
N ASN E 125 34.29 -42.21 -20.96
CA ASN E 125 35.24 -42.67 -19.95
C ASN E 125 35.69 -41.54 -19.01
N LEU E 126 35.70 -41.84 -17.72
CA LEU E 126 36.08 -40.86 -16.70
C LEU E 126 37.57 -40.94 -16.39
N VAL E 127 38.29 -39.85 -16.66
CA VAL E 127 39.72 -39.76 -16.31
C VAL E 127 39.80 -38.74 -15.18
N LEU E 128 40.00 -39.28 -13.96
CA LEU E 128 39.93 -38.50 -12.73
C LEU E 128 41.30 -38.40 -12.07
N GLY E 129 41.69 -37.19 -11.72
CA GLY E 129 42.89 -36.98 -10.94
C GLY E 129 42.64 -37.19 -9.45
N ALA E 130 43.69 -36.89 -8.68
CA ALA E 130 43.71 -37.11 -7.24
C ALA E 130 42.63 -36.35 -6.50
N PHE E 131 42.16 -36.97 -5.43
CA PHE E 131 41.29 -36.33 -4.47
C PHE E 131 42.17 -35.35 -3.70
N VAL E 132 41.80 -34.08 -3.74
CA VAL E 132 42.55 -33.04 -3.02
C VAL E 132 42.14 -32.91 -1.55
N GLU E 133 40.83 -32.80 -1.32
CA GLU E 133 40.27 -32.54 0.00
C GLU E 133 38.75 -32.51 -0.14
N GLY E 134 38.04 -32.48 0.99
CA GLY E 134 36.61 -32.28 0.98
C GLY E 134 35.93 -32.92 2.17
N SER E 135 35.15 -32.14 2.90
CA SER E 135 34.37 -32.62 4.04
C SER E 135 33.36 -33.73 3.70
N ALA E 136 33.01 -33.88 2.41
CA ALA E 136 32.10 -34.95 1.98
C ALA E 136 32.82 -36.29 1.90
N GLY E 137 34.15 -36.26 1.99
CA GLY E 137 34.95 -37.48 1.82
C GLY E 137 35.03 -37.86 0.35
N ASP E 138 35.97 -38.75 0.01
CA ASP E 138 36.16 -39.18 -1.38
C ASP E 138 35.18 -40.29 -1.80
N SER E 139 34.23 -39.96 -2.66
CA SER E 139 33.40 -41.01 -3.23
C SER E 139 33.41 -41.02 -4.75
N LEU E 140 34.55 -40.71 -5.34
CA LEU E 140 34.64 -40.70 -6.81
C LEU E 140 35.87 -41.40 -7.37
N THR E 141 36.94 -41.52 -6.58
CA THR E 141 38.09 -42.28 -7.04
C THR E 141 37.70 -43.71 -7.46
N PHE E 142 36.79 -44.32 -6.70
CA PHE E 142 36.24 -45.66 -6.99
C PHE E 142 35.79 -45.75 -8.47
N HIS E 143 35.35 -44.62 -9.01
CA HIS E 143 34.71 -44.59 -10.29
C HIS E 143 35.63 -44.18 -11.45
N ASN E 144 36.92 -44.01 -11.17
CA ASN E 144 37.89 -43.65 -12.20
C ASN E 144 37.97 -44.71 -13.28
N ASN E 145 38.06 -44.28 -14.52
CA ASN E 145 38.30 -45.18 -15.66
C ASN E 145 37.11 -46.12 -15.95
N GLN E 146 35.93 -45.73 -15.49
CA GLN E 146 34.71 -46.41 -15.82
C GLN E 146 34.00 -45.68 -16.96
N SER E 147 33.37 -46.44 -17.82
CA SER E 147 32.45 -45.88 -18.78
C SER E 147 31.23 -45.31 -18.07
N PHE E 148 30.54 -44.42 -18.76
CA PHE E 148 29.30 -43.86 -18.26
C PHE E 148 28.25 -44.88 -18.66
N SER E 149 27.19 -45.01 -17.85
CA SER E 149 26.13 -45.99 -18.15
C SER E 149 24.76 -45.39 -17.86
N THR E 150 23.77 -45.80 -18.64
CA THR E 150 22.37 -45.42 -18.46
C THR E 150 21.53 -46.71 -18.45
N LYS E 151 20.26 -46.60 -18.05
CA LYS E 151 19.39 -47.75 -17.98
C LYS E 151 19.38 -48.60 -19.26
N ASP E 152 19.56 -47.95 -20.41
CA ASP E 152 19.41 -48.58 -21.71
C ASP E 152 20.77 -48.82 -22.36
N GLN E 153 21.84 -48.45 -21.68
CA GLN E 153 23.18 -48.72 -22.19
C GLN E 153 24.09 -49.02 -21.03
N ASP E 154 24.15 -50.31 -20.72
CA ASP E 154 24.89 -50.87 -19.59
C ASP E 154 26.35 -51.06 -19.98
N ASN E 155 27.22 -50.18 -19.51
CA ASN E 155 28.64 -50.28 -19.76
C ASN E 155 29.41 -50.48 -18.44
N ASP E 156 28.75 -51.02 -17.42
CA ASP E 156 29.39 -51.16 -16.10
C ASP E 156 30.15 -52.48 -15.94
N LEU E 157 30.68 -52.71 -14.74
CA LEU E 157 31.41 -53.94 -14.51
C LEU E 157 30.61 -54.90 -13.64
N ASN E 158 29.32 -54.68 -13.55
CA ASN E 158 28.46 -55.57 -12.80
C ASN E 158 27.74 -56.54 -13.74
N THR E 159 27.50 -57.77 -13.29
CA THR E 159 26.78 -58.74 -14.12
C THR E 159 25.33 -58.32 -14.33
N GLY E 160 24.80 -57.48 -13.45
CA GLY E 160 23.47 -56.91 -13.66
C GLY E 160 23.57 -55.48 -14.14
N ASN E 161 22.45 -54.76 -14.08
CA ASN E 161 22.34 -53.38 -14.57
C ASN E 161 22.37 -52.36 -13.44
N CYS E 162 23.53 -51.72 -13.26
CA CYS E 162 23.70 -50.78 -12.17
C CYS E 162 22.70 -49.64 -12.27
N ALA E 163 22.53 -49.10 -13.47
CA ALA E 163 21.70 -47.92 -13.65
C ALA E 163 20.27 -48.22 -13.26
N VAL E 164 19.81 -49.42 -13.59
CA VAL E 164 18.47 -49.86 -13.19
C VAL E 164 18.40 -50.18 -11.69
N MET E 165 19.39 -50.91 -11.17
CA MET E 165 19.37 -51.31 -9.76
C MET E 165 19.31 -50.10 -8.84
N PHE E 166 19.99 -49.02 -9.24
CA PHE E 166 20.17 -47.85 -8.38
C PHE E 166 19.59 -46.60 -9.00
N GLN E 167 18.83 -46.80 -10.07
CA GLN E 167 17.94 -45.77 -10.59
C GLN E 167 18.61 -44.43 -10.79
N GLY E 168 19.72 -44.45 -11.52
CA GLY E 168 20.42 -43.23 -11.92
C GLY E 168 21.18 -43.41 -13.24
N ALA E 169 22.29 -42.71 -13.37
CA ALA E 169 23.16 -42.82 -14.55
C ALA E 169 24.50 -42.28 -14.10
N TRP E 170 25.57 -42.99 -14.42
CA TRP E 170 26.81 -42.68 -13.76
C TRP E 170 27.92 -43.51 -14.36
N TRP E 171 29.14 -43.18 -13.95
CA TRP E 171 30.31 -43.97 -14.24
C TRP E 171 30.37 -45.17 -13.29
N TYR E 172 29.35 -46.00 -13.37
CA TYR E 172 29.17 -47.15 -12.49
C TYR E 172 30.23 -48.19 -12.69
N LYS E 173 30.70 -48.74 -11.57
CA LYS E 173 31.62 -49.85 -11.62
C LYS E 173 30.84 -51.12 -11.30
N ASN E 174 30.73 -51.45 -10.02
CA ASN E 174 30.18 -52.71 -9.57
C ASN E 174 29.51 -52.64 -8.18
N CYS E 175 28.72 -51.60 -7.87
CA CYS E 175 28.24 -50.60 -8.82
C CYS E 175 28.70 -49.20 -8.50
N HIS E 176 28.54 -48.78 -7.26
CA HIS E 176 28.80 -47.40 -6.97
C HIS E 176 29.10 -47.11 -5.53
N THR E 177 29.68 -45.94 -5.36
CA THR E 177 30.00 -45.39 -4.07
C THR E 177 29.43 -43.96 -4.11
N SER E 178 29.09 -43.51 -5.31
CA SER E 178 28.32 -42.27 -5.45
C SER E 178 27.26 -42.45 -6.53
N ASN E 179 26.18 -41.68 -6.45
CA ASN E 179 25.03 -41.90 -7.34
C ASN E 179 24.25 -40.59 -7.49
N LEU E 180 24.95 -39.54 -7.85
CA LEU E 180 24.39 -38.18 -7.81
C LEU E 180 23.26 -37.93 -8.81
N ASN E 181 23.15 -38.78 -9.82
CA ASN E 181 22.03 -38.73 -10.76
C ASN E 181 20.93 -39.74 -10.37
N GLY E 182 20.93 -40.13 -9.10
CA GLY E 182 19.94 -41.06 -8.56
C GLY E 182 18.62 -40.37 -8.25
N ARG E 183 17.68 -41.09 -7.63
CA ARG E 183 16.36 -40.54 -7.41
C ARG E 183 16.40 -39.46 -6.33
N TYR E 184 15.48 -38.50 -6.43
CA TYR E 184 15.43 -37.42 -5.45
C TYR E 184 14.56 -37.87 -4.28
N LEU E 185 15.17 -38.59 -3.33
CA LEU E 185 14.40 -39.28 -2.28
C LEU E 185 14.21 -38.51 -0.98
N ARG E 186 14.81 -37.32 -0.87
CA ARG E 186 14.54 -36.42 0.26
C ARG E 186 14.97 -36.95 1.64
N GLY E 187 16.28 -37.01 1.90
CA GLY E 187 16.70 -37.49 3.22
C GLY E 187 16.71 -39.00 3.28
N THR E 188 16.27 -39.56 4.41
CA THR E 188 16.51 -40.97 4.61
C THR E 188 15.49 -41.87 3.88
N HIS E 189 15.99 -42.86 3.17
CA HIS E 189 15.13 -43.77 2.47
C HIS E 189 15.47 -45.21 2.86
N GLY E 190 14.44 -46.05 2.97
CA GLY E 190 14.62 -47.49 3.18
C GLY E 190 15.16 -48.20 1.96
N SER E 191 14.82 -47.73 0.77
CA SER E 191 15.35 -48.32 -0.46
C SER E 191 16.86 -48.15 -0.49
N PHE E 192 17.57 -49.13 -1.05
CA PHE E 192 19.02 -49.18 -0.90
C PHE E 192 19.77 -48.55 -2.05
N ALA E 193 20.47 -47.47 -1.71
CA ALA E 193 21.48 -46.86 -2.57
C ALA E 193 20.95 -46.32 -3.89
N ASN E 194 19.65 -46.07 -3.96
CA ASN E 194 19.04 -45.56 -5.19
C ASN E 194 18.69 -44.08 -5.16
N GLY E 195 19.22 -43.36 -4.17
CA GLY E 195 18.98 -41.92 -4.08
C GLY E 195 20.20 -41.13 -4.49
N ILE E 196 20.19 -39.83 -4.17
CA ILE E 196 21.33 -38.98 -4.45
C ILE E 196 22.34 -39.21 -3.34
N ASN E 197 23.12 -40.27 -3.51
CA ASN E 197 23.96 -40.80 -2.44
C ASN E 197 25.44 -40.58 -2.68
N TRP E 198 26.17 -40.38 -1.59
CA TRP E 198 27.61 -40.24 -1.59
C TRP E 198 28.06 -41.03 -0.38
N LYS E 199 28.56 -42.24 -0.59
CA LYS E 199 28.81 -43.16 0.52
C LYS E 199 29.62 -42.56 1.66
N SER E 200 30.79 -42.00 1.35
CA SER E 200 31.64 -41.39 2.38
C SER E 200 30.96 -40.17 3.02
N GLY E 201 29.91 -39.67 2.40
CA GLY E 201 29.20 -38.51 2.93
C GLY E 201 28.13 -38.92 3.93
N LYS E 202 26.89 -39.00 3.46
CA LYS E 202 25.76 -39.36 4.34
C LYS E 202 25.31 -40.82 4.18
N GLY E 203 26.02 -41.60 3.38
CA GLY E 203 25.73 -43.04 3.24
C GLY E 203 24.75 -43.48 2.15
N TYR E 204 24.46 -44.77 2.15
CA TYR E 204 23.65 -45.41 1.10
C TYR E 204 22.13 -45.26 1.29
N ASN E 205 21.72 -44.60 2.38
CA ASN E 205 20.31 -44.49 2.74
C ASN E 205 19.87 -43.06 3.04
N TYR E 206 20.54 -42.09 2.43
CA TYR E 206 20.21 -40.68 2.60
C TYR E 206 20.46 -39.93 1.31
N SER E 207 19.41 -39.29 0.82
CA SER E 207 19.44 -38.60 -0.45
C SER E 207 19.53 -37.09 -0.18
N TYR E 208 20.59 -36.48 -0.69
CA TYR E 208 20.84 -35.05 -0.48
C TYR E 208 19.76 -34.13 -1.01
N LYS E 209 19.65 -32.97 -0.37
CA LYS E 209 18.76 -31.91 -0.82
C LYS E 209 19.31 -31.22 -2.06
N VAL E 210 20.61 -30.95 -2.05
CA VAL E 210 21.28 -30.24 -3.15
C VAL E 210 22.53 -30.98 -3.63
N SER E 211 22.69 -31.12 -4.94
CA SER E 211 23.91 -31.68 -5.53
C SER E 211 24.39 -30.81 -6.69
N GLU E 212 25.70 -30.53 -6.75
CA GLU E 212 26.25 -29.71 -7.84
C GLU E 212 27.64 -30.19 -8.23
N MET E 213 27.87 -30.41 -9.52
CA MET E 213 29.19 -30.83 -9.98
C MET E 213 29.70 -29.78 -10.96
N LYS E 214 30.94 -29.36 -10.80
CA LYS E 214 31.40 -28.19 -11.56
C LYS E 214 32.89 -28.24 -11.86
N VAL E 215 33.30 -27.63 -12.96
CA VAL E 215 34.72 -27.62 -13.35
C VAL E 215 35.31 -26.23 -13.55
N ARG E 216 36.63 -26.15 -13.40
CA ARG E 216 37.34 -24.91 -13.59
C ARG E 216 38.77 -25.25 -14.04
N PRO E 217 39.35 -24.45 -14.97
CA PRO E 217 40.73 -24.77 -15.38
C PRO E 217 41.74 -24.62 -14.26
N ALA E 218 42.63 -25.59 -14.16
CA ALA E 218 43.85 -25.43 -13.43
C ALA E 218 44.82 -25.01 -14.51
N LEU F 4 18.17 -9.32 -37.41
CA LEU F 4 18.19 -10.81 -37.31
C LEU F 4 16.99 -11.58 -37.90
N THR F 5 17.33 -12.52 -38.77
CA THR F 5 16.41 -13.57 -39.22
C THR F 5 16.93 -14.96 -38.81
N GLY F 6 16.31 -15.51 -37.78
CA GLY F 6 16.67 -16.81 -37.18
C GLY F 6 15.44 -17.44 -36.53
N PRO F 7 15.52 -17.75 -35.21
CA PRO F 7 14.50 -18.54 -34.48
C PRO F 7 13.12 -17.90 -34.37
N ARG F 8 12.09 -18.64 -34.81
CA ARG F 8 10.71 -18.14 -34.80
C ARG F 8 9.88 -18.78 -33.68
N THR F 9 10.40 -19.86 -33.11
CA THR F 9 9.72 -20.63 -32.07
C THR F 9 10.71 -21.39 -31.21
N CYS F 10 10.22 -21.95 -30.10
CA CYS F 10 11.04 -22.81 -29.26
C CYS F 10 11.44 -24.09 -29.98
N LYS F 11 10.58 -24.54 -30.90
CA LYS F 11 10.90 -25.70 -31.73
C LYS F 11 12.11 -25.45 -32.63
N ASP F 12 12.19 -24.25 -33.22
CA ASP F 12 13.38 -23.86 -33.98
C ASP F 12 14.63 -23.95 -33.12
N LEU F 13 14.52 -23.45 -31.89
CA LEU F 13 15.65 -23.46 -30.96
C LEU F 13 16.09 -24.88 -30.63
N LEU F 14 15.12 -25.75 -30.37
CA LEU F 14 15.42 -27.15 -30.11
C LEU F 14 16.13 -27.77 -31.31
N ASP F 15 15.67 -27.48 -32.53
CA ASP F 15 16.31 -28.01 -33.73
C ASP F 15 17.74 -27.49 -33.87
N ARG F 16 18.01 -26.30 -33.37
CA ARG F 16 19.34 -25.72 -33.44
C ARG F 16 20.27 -26.21 -32.34
N GLY F 17 19.76 -27.10 -31.50
CA GLY F 17 20.58 -27.70 -30.46
C GLY F 17 20.51 -27.05 -29.08
N HIS F 18 19.38 -26.41 -28.77
CA HIS F 18 19.17 -25.90 -27.41
C HIS F 18 18.34 -26.91 -26.61
N PHE F 19 19.00 -27.71 -25.79
CA PHE F 19 18.35 -28.85 -25.15
C PHE F 19 17.84 -28.61 -23.72
N LEU F 20 18.22 -27.48 -23.13
CA LEU F 20 17.80 -27.15 -21.78
C LEU F 20 16.62 -26.18 -21.83
N SER F 21 15.60 -26.46 -21.03
CA SER F 21 14.50 -25.54 -20.88
C SER F 21 15.02 -24.24 -20.30
N GLY F 22 14.36 -23.15 -20.64
CA GLY F 22 14.81 -21.84 -20.18
C GLY F 22 14.31 -20.74 -21.07
N TRP F 23 14.66 -19.51 -20.71
CA TRP F 23 14.21 -18.32 -21.41
C TRP F 23 15.13 -18.02 -22.57
N HIS F 24 14.56 -17.97 -23.77
CA HIS F 24 15.30 -17.62 -24.97
C HIS F 24 14.50 -16.57 -25.68
N THR F 25 15.18 -15.76 -26.50
CA THR F 25 14.45 -14.82 -27.33
C THR F 25 14.14 -15.40 -28.71
N ILE F 26 12.91 -15.18 -29.17
CA ILE F 26 12.49 -15.63 -30.49
C ILE F 26 11.95 -14.43 -31.23
N TYR F 27 11.77 -14.61 -32.53
CA TYR F 27 11.27 -13.58 -33.41
C TYR F 27 9.90 -13.95 -33.88
N LEU F 28 8.92 -13.12 -33.51
CA LEU F 28 7.53 -13.35 -33.86
C LEU F 28 7.31 -13.20 -35.37
N PRO F 29 6.11 -13.58 -35.84
CA PRO F 29 5.79 -13.47 -37.25
C PRO F 29 6.12 -12.08 -37.81
N ASP F 30 5.92 -11.04 -37.01
CA ASP F 30 6.21 -9.69 -37.47
C ASP F 30 7.67 -9.24 -37.23
N CYS F 31 8.51 -10.18 -36.81
CA CYS F 31 9.92 -9.91 -36.56
C CYS F 31 10.19 -9.13 -35.29
N ARG F 32 9.18 -8.97 -34.47
CA ARG F 32 9.37 -8.47 -33.12
C ARG F 32 10.01 -9.60 -32.31
N PRO F 33 11.08 -9.28 -31.57
CA PRO F 33 11.74 -10.29 -30.74
C PRO F 33 11.02 -10.45 -29.40
N LEU F 34 10.90 -11.69 -28.94
CA LEU F 34 10.25 -11.96 -27.68
C LEU F 34 11.04 -12.99 -26.89
N THR F 35 11.27 -12.71 -25.61
CA THR F 35 11.92 -13.67 -24.74
C THR F 35 10.89 -14.53 -24.03
N VAL F 36 10.95 -15.82 -24.31
CA VAL F 36 9.95 -16.78 -23.89
C VAL F 36 10.59 -17.95 -23.14
N LEU F 37 9.75 -18.66 -22.39
CA LEU F 37 10.19 -19.84 -21.68
C LEU F 37 9.98 -21.03 -22.59
N CYS F 38 11.07 -21.69 -22.96
CA CYS F 38 11.00 -22.90 -23.79
C CYS F 38 11.01 -24.14 -22.91
N ASP F 39 10.04 -25.02 -23.11
CA ASP F 39 10.07 -26.32 -22.45
C ASP F 39 10.66 -27.33 -23.42
N MET F 40 11.90 -27.73 -23.17
CA MET F 40 12.63 -28.61 -24.06
C MET F 40 12.56 -30.05 -23.56
N ASP F 41 11.93 -30.23 -22.42
CA ASP F 41 11.97 -31.51 -21.69
C ASP F 41 10.70 -32.35 -21.90
N THR F 42 9.54 -31.72 -22.05
CA THR F 42 8.25 -32.43 -22.00
C THR F 42 7.76 -32.88 -23.37
N ASP F 43 7.33 -34.14 -23.46
CA ASP F 43 6.68 -34.63 -24.68
C ASP F 43 7.46 -34.28 -25.94
N GLY F 44 8.77 -34.53 -25.94
CA GLY F 44 9.60 -34.21 -27.10
C GLY F 44 10.19 -32.81 -27.09
N GLY F 45 9.62 -31.91 -26.29
CA GLY F 45 10.13 -30.55 -26.16
C GLY F 45 9.81 -29.62 -27.33
N GLY F 46 10.29 -28.38 -27.24
CA GLY F 46 10.01 -27.39 -28.27
C GLY F 46 8.73 -26.62 -28.03
N TRP F 47 8.30 -26.61 -26.77
CA TRP F 47 7.07 -25.92 -26.35
C TRP F 47 7.40 -24.52 -25.86
N THR F 48 6.56 -23.57 -26.22
CA THR F 48 6.63 -22.23 -25.69
C THR F 48 5.60 -22.14 -24.59
N VAL F 49 6.03 -21.82 -23.38
CA VAL F 49 5.14 -21.79 -22.23
C VAL F 49 4.57 -20.40 -22.05
N PHE F 50 3.25 -20.26 -22.06
CA PHE F 50 2.67 -18.94 -21.91
C PHE F 50 1.99 -18.75 -20.56
N GLN F 51 1.89 -19.83 -19.79
CA GLN F 51 1.35 -19.74 -18.43
C GLN F 51 2.07 -20.69 -17.49
N ARG F 52 2.40 -20.20 -16.31
CA ARG F 52 3.04 -21.05 -15.31
C ARG F 52 2.63 -20.65 -13.89
N ARG F 53 2.17 -21.64 -13.11
CA ARG F 53 1.90 -21.50 -11.68
C ARG F 53 2.74 -22.55 -10.99
N VAL F 54 3.33 -22.21 -9.85
CA VAL F 54 4.26 -23.12 -9.22
C VAL F 54 4.38 -22.98 -7.69
N ASP F 55 3.97 -21.85 -7.13
CA ASP F 55 4.17 -21.63 -5.68
C ASP F 55 3.25 -20.55 -5.09
N GLY F 56 2.40 -19.97 -5.91
CA GLY F 56 1.45 -18.97 -5.43
C GLY F 56 2.04 -17.62 -5.08
N SER F 57 3.25 -17.35 -5.55
CA SER F 57 3.92 -16.10 -5.21
C SER F 57 3.42 -14.92 -6.05
N VAL F 58 2.70 -15.20 -7.13
CA VAL F 58 2.20 -14.14 -7.98
C VAL F 58 0.67 -14.08 -7.96
N ASP F 59 0.13 -12.88 -7.81
CA ASP F 59 -1.29 -12.62 -7.88
C ASP F 59 -1.78 -12.72 -9.33
N PHE F 60 -2.70 -13.63 -9.60
CA PHE F 60 -3.24 -13.82 -10.95
C PHE F 60 -4.63 -13.21 -11.09
N TYR F 61 -5.10 -12.60 -10.00
CA TYR F 61 -6.41 -11.98 -10.01
C TYR F 61 -6.27 -10.54 -10.51
N ARG F 62 -6.04 -10.41 -11.81
CA ARG F 62 -5.61 -9.13 -12.42
C ARG F 62 -6.59 -8.62 -13.46
N ASP F 63 -6.44 -7.36 -13.83
CA ASP F 63 -7.35 -6.70 -14.73
C ASP F 63 -7.01 -6.93 -16.21
N TRP F 64 -7.87 -6.42 -17.08
CA TRP F 64 -7.73 -6.61 -18.52
C TRP F 64 -6.38 -6.17 -19.09
N ALA F 65 -5.97 -4.94 -18.74
CA ALA F 65 -4.72 -4.35 -19.23
C ALA F 65 -3.51 -5.18 -18.85
N THR F 66 -3.58 -5.78 -17.66
CA THR F 66 -2.47 -6.57 -17.14
C THR F 66 -2.36 -7.91 -17.85
N TYR F 67 -3.49 -8.58 -18.05
CA TYR F 67 -3.50 -9.80 -18.86
C TYR F 67 -3.12 -9.52 -20.30
N LYS F 68 -3.48 -8.36 -20.81
CA LYS F 68 -3.14 -7.96 -22.17
C LYS F 68 -1.63 -7.93 -22.41
N GLN F 69 -0.90 -7.27 -21.51
CA GLN F 69 0.55 -7.08 -21.68
C GLN F 69 1.43 -8.19 -21.10
N GLY F 70 0.87 -9.00 -20.19
CA GLY F 70 1.63 -10.04 -19.51
C GLY F 70 2.09 -9.54 -18.15
N PHE F 71 2.36 -10.47 -17.24
CA PHE F 71 2.75 -10.12 -15.88
C PHE F 71 3.38 -11.32 -15.22
N GLY F 72 4.11 -11.09 -14.15
CA GLY F 72 4.74 -12.16 -13.40
C GLY F 72 6.25 -12.06 -13.51
N SER F 73 6.91 -13.21 -13.42
CA SER F 73 8.35 -13.24 -13.32
C SER F 73 8.97 -14.42 -14.07
N ARG F 74 10.09 -14.17 -14.73
CA ARG F 74 10.81 -15.25 -15.40
C ARG F 74 11.37 -16.23 -14.39
N LEU F 75 11.48 -15.79 -13.14
CA LEU F 75 12.01 -16.63 -12.06
C LEU F 75 10.96 -17.58 -11.52
N GLY F 76 9.70 -17.42 -11.94
CA GLY F 76 8.64 -18.22 -11.34
C GLY F 76 7.35 -18.24 -12.12
N GLU F 77 6.32 -17.61 -11.58
CA GLU F 77 4.98 -17.66 -12.17
C GLU F 77 4.78 -16.50 -13.10
N PHE F 78 4.03 -16.71 -14.18
CA PHE F 78 3.77 -15.65 -15.14
C PHE F 78 2.60 -16.00 -16.06
N TRP F 79 2.05 -14.96 -16.67
CA TRP F 79 1.16 -15.05 -17.81
C TRP F 79 1.87 -14.25 -18.91
N LEU F 80 2.08 -14.85 -20.07
CA LEU F 80 2.91 -14.22 -21.12
C LEU F 80 2.31 -12.95 -21.71
N GLY F 81 0.98 -12.84 -21.66
CA GLY F 81 0.30 -11.68 -22.20
C GLY F 81 -0.54 -12.05 -23.39
N ASN F 82 -1.78 -11.59 -23.41
CA ASN F 82 -2.72 -11.96 -24.45
C ASN F 82 -2.30 -11.49 -25.86
N ASP F 83 -1.70 -10.30 -25.95
CA ASP F 83 -1.16 -9.82 -27.23
C ASP F 83 -0.07 -10.75 -27.75
N ASN F 84 0.81 -11.18 -26.85
CA ASN F 84 1.89 -12.09 -27.22
C ASN F 84 1.37 -13.45 -27.63
N ILE F 85 0.38 -13.95 -26.89
CA ILE F 85 -0.20 -15.25 -27.17
C ILE F 85 -0.90 -15.23 -28.52
N HIS F 86 -1.60 -14.14 -28.81
CA HIS F 86 -2.18 -13.97 -30.13
C HIS F 86 -1.11 -13.98 -31.22
N ALA F 87 -0.08 -13.15 -31.06
CA ALA F 87 1.00 -13.08 -32.04
C ALA F 87 1.62 -14.45 -32.27
N LEU F 88 1.80 -15.20 -31.18
CA LEU F 88 2.36 -16.54 -31.23
C LEU F 88 1.49 -17.52 -31.99
N THR F 89 0.18 -17.37 -31.86
CA THR F 89 -0.73 -18.38 -32.37
C THR F 89 -1.54 -17.98 -33.61
N ALA F 90 -1.31 -16.77 -34.12
CA ALA F 90 -2.09 -16.24 -35.24
C ALA F 90 -1.97 -17.10 -36.51
N GLN F 91 -0.74 -17.35 -36.95
CA GLN F 91 -0.53 -18.14 -38.16
C GLN F 91 -0.24 -19.61 -37.87
N GLY F 92 -0.48 -20.45 -38.87
CA GLY F 92 -0.15 -21.88 -38.79
C GLY F 92 -0.96 -22.60 -37.74
N THR F 93 -0.42 -23.72 -37.27
CA THR F 93 -1.10 -24.54 -36.29
C THR F 93 -0.17 -24.75 -35.11
N SER F 94 -0.56 -24.22 -33.95
CA SER F 94 0.12 -24.55 -32.70
C SER F 94 -0.79 -25.49 -31.97
N GLU F 95 -0.26 -26.63 -31.53
CA GLU F 95 -1.02 -27.50 -30.64
C GLU F 95 -0.85 -27.01 -29.20
N LEU F 96 -1.85 -27.28 -28.36
CA LEU F 96 -1.79 -26.87 -26.96
C LEU F 96 -1.63 -28.08 -26.05
N ARG F 97 -0.68 -27.97 -25.13
CA ARG F 97 -0.48 -28.93 -24.05
C ARG F 97 -0.63 -28.25 -22.67
N THR F 98 -1.50 -28.80 -21.83
CA THR F 98 -1.62 -28.36 -20.46
C THR F 98 -1.02 -29.38 -19.50
N ASP F 99 -0.01 -28.96 -18.74
CA ASP F 99 0.60 -29.81 -17.70
C ASP F 99 0.23 -29.38 -16.28
N LEU F 100 -0.13 -30.36 -15.45
CA LEU F 100 -0.68 -30.12 -14.11
C LEU F 100 -0.01 -31.06 -13.13
N VAL F 101 0.40 -30.53 -11.98
CA VAL F 101 0.99 -31.36 -10.94
C VAL F 101 0.30 -31.09 -9.60
N ASP F 102 -0.13 -32.16 -8.94
CA ASP F 102 -0.76 -32.02 -7.63
C ASP F 102 0.28 -31.98 -6.52
N PHE F 103 -0.22 -31.93 -5.29
CA PHE F 103 0.64 -31.73 -4.14
C PHE F 103 1.31 -32.99 -3.67
N GLU F 104 0.89 -34.13 -4.22
CA GLU F 104 1.52 -35.41 -3.98
C GLU F 104 2.44 -35.74 -5.14
N ASP F 105 2.72 -34.72 -5.97
CA ASP F 105 3.62 -34.79 -7.13
C ASP F 105 3.15 -35.69 -8.26
N ASN F 106 1.84 -35.90 -8.36
CA ASN F 106 1.32 -36.63 -9.50
C ASN F 106 1.10 -35.70 -10.70
N TYR F 107 1.52 -36.18 -11.88
CA TYR F 107 1.38 -35.45 -13.16
C TYR F 107 0.11 -35.86 -13.94
N GLN F 108 -0.62 -34.87 -14.42
CA GLN F 108 -1.73 -35.05 -15.37
C GLN F 108 -1.53 -34.08 -16.53
N PHE F 109 -2.12 -34.37 -17.69
CA PHE F 109 -1.98 -33.44 -18.83
C PHE F 109 -3.18 -33.50 -19.76
N ALA F 110 -3.25 -32.52 -20.64
CA ALA F 110 -4.28 -32.46 -21.66
C ALA F 110 -3.67 -31.92 -22.96
N LYS F 111 -3.89 -32.62 -24.07
CA LYS F 111 -3.35 -32.17 -25.35
C LYS F 111 -4.47 -31.91 -26.37
N TYR F 112 -4.36 -30.76 -27.05
CA TYR F 112 -5.35 -30.29 -28.00
C TYR F 112 -4.70 -30.07 -29.36
N ARG F 113 -5.42 -30.42 -30.42
CA ARG F 113 -4.84 -30.48 -31.76
C ARG F 113 -4.40 -29.11 -32.29
N SER F 114 -5.13 -28.06 -31.91
CA SER F 114 -4.83 -26.70 -32.31
C SER F 114 -5.33 -25.74 -31.24
N PHE F 115 -4.75 -24.55 -31.22
CA PHE F 115 -5.09 -23.57 -30.21
C PHE F 115 -4.68 -22.22 -30.75
N LYS F 116 -5.64 -21.29 -30.74
CA LYS F 116 -5.39 -19.96 -31.25
C LYS F 116 -6.21 -19.00 -30.40
N VAL F 117 -5.64 -17.86 -30.02
CA VAL F 117 -6.46 -16.79 -29.48
C VAL F 117 -6.48 -15.64 -30.48
N ALA F 118 -7.68 -15.07 -30.71
CA ALA F 118 -7.84 -13.93 -31.60
C ALA F 118 -7.21 -12.67 -30.98
N ASP F 119 -7.32 -11.54 -31.66
CA ASP F 119 -6.72 -10.29 -31.18
C ASP F 119 -7.64 -9.57 -30.21
N GLU F 120 -7.23 -8.41 -29.73
CA GLU F 120 -7.99 -7.71 -28.68
C GLU F 120 -9.36 -7.29 -29.15
N ALA F 121 -9.46 -6.95 -30.44
CA ALA F 121 -10.74 -6.53 -31.01
C ALA F 121 -11.76 -7.66 -30.87
N GLU F 122 -11.27 -8.89 -30.97
CA GLU F 122 -12.12 -10.05 -30.88
C GLU F 122 -12.09 -10.68 -29.49
N LYS F 123 -11.69 -9.87 -28.51
CA LYS F 123 -11.80 -10.24 -27.10
C LYS F 123 -10.92 -11.44 -26.75
N TYR F 124 -9.85 -11.62 -27.52
CA TYR F 124 -8.94 -12.75 -27.33
C TYR F 124 -9.71 -14.06 -27.25
N ASN F 125 -10.72 -14.15 -28.11
CA ASN F 125 -11.53 -15.36 -28.26
C ASN F 125 -10.68 -16.64 -28.32
N LEU F 126 -11.13 -17.68 -27.62
CA LEU F 126 -10.49 -18.98 -27.67
C LEU F 126 -10.96 -19.73 -28.91
N VAL F 127 -10.01 -20.18 -29.73
CA VAL F 127 -10.31 -21.09 -30.83
C VAL F 127 -9.50 -22.35 -30.59
N LEU F 128 -10.18 -23.44 -30.22
CA LEU F 128 -9.46 -24.62 -29.75
C LEU F 128 -9.76 -25.80 -30.63
N GLY F 129 -8.75 -26.63 -30.87
CA GLY F 129 -8.90 -27.80 -31.78
C GLY F 129 -9.41 -28.98 -30.98
N ALA F 130 -9.47 -30.15 -31.60
CA ALA F 130 -9.95 -31.36 -30.94
C ALA F 130 -9.06 -31.75 -29.78
N PHE F 131 -9.68 -32.32 -28.75
CA PHE F 131 -8.95 -32.97 -27.67
C PHE F 131 -8.30 -34.23 -28.25
N VAL F 132 -7.00 -34.42 -28.03
CA VAL F 132 -6.33 -35.63 -28.53
C VAL F 132 -6.15 -36.72 -27.47
N GLU F 133 -5.80 -36.34 -26.26
CA GLU F 133 -5.59 -37.29 -25.18
C GLU F 133 -5.15 -36.54 -23.93
N GLY F 134 -4.97 -37.26 -22.84
CA GLY F 134 -4.46 -36.68 -21.62
C GLY F 134 -5.16 -37.17 -20.37
N SER F 135 -4.38 -37.42 -19.34
CA SER F 135 -4.87 -37.93 -18.06
C SER F 135 -5.68 -36.91 -17.23
N ALA F 136 -5.56 -35.62 -17.51
CA ALA F 136 -6.38 -34.64 -16.79
C ALA F 136 -7.82 -34.68 -17.32
N GLY F 137 -8.04 -35.39 -18.41
CA GLY F 137 -9.31 -35.34 -19.10
C GLY F 137 -9.49 -33.99 -19.73
N ASP F 138 -10.63 -33.78 -20.38
CA ASP F 138 -10.85 -32.56 -21.15
C ASP F 138 -11.71 -31.54 -20.41
N SER F 139 -11.11 -30.43 -20.00
CA SER F 139 -11.86 -29.37 -19.33
C SER F 139 -11.60 -28.01 -19.97
N LEU F 140 -11.42 -28.01 -21.30
CA LEU F 140 -11.20 -26.77 -22.04
C LEU F 140 -12.14 -26.59 -23.23
N THR F 141 -12.53 -27.71 -23.87
CA THR F 141 -13.42 -27.70 -25.03
C THR F 141 -14.71 -26.92 -24.74
N PHE F 142 -15.27 -27.16 -23.55
N PHE F 142 -15.23 -27.17 -23.53
CA PHE F 142 -16.39 -26.38 -22.99
CA PHE F 142 -16.37 -26.42 -23.02
C PHE F 142 -16.23 -24.87 -23.22
C PHE F 142 -16.20 -24.90 -23.20
N HIS F 143 -14.99 -24.39 -23.14
CA HIS F 143 -14.71 -22.96 -23.26
C HIS F 143 -14.47 -22.45 -24.70
N ASN F 144 -14.54 -23.34 -25.70
CA ASN F 144 -14.34 -22.98 -27.11
C ASN F 144 -15.24 -21.84 -27.60
N ASN F 145 -14.65 -20.92 -28.37
CA ASN F 145 -15.40 -19.86 -29.01
C ASN F 145 -15.91 -18.84 -27.99
N GLN F 146 -15.11 -18.59 -26.97
CA GLN F 146 -15.49 -17.63 -25.93
C GLN F 146 -14.45 -16.53 -25.72
N SER F 147 -14.95 -15.31 -25.59
CA SER F 147 -14.16 -14.18 -25.18
C SER F 147 -13.45 -14.44 -23.85
N PHE F 148 -12.30 -13.80 -23.68
CA PHE F 148 -11.57 -13.83 -22.44
C PHE F 148 -12.27 -12.77 -21.59
N SER F 149 -12.26 -12.96 -20.28
CA SER F 149 -12.88 -12.02 -19.35
C SER F 149 -11.97 -11.84 -18.16
N THR F 150 -11.99 -10.65 -17.58
CA THR F 150 -11.33 -10.39 -16.31
C THR F 150 -12.30 -9.64 -15.40
N LYS F 151 -11.90 -9.39 -14.16
CA LYS F 151 -12.80 -8.78 -13.20
C LYS F 151 -13.43 -7.51 -13.72
N ASP F 152 -12.66 -6.69 -14.43
CA ASP F 152 -13.12 -5.37 -14.90
C ASP F 152 -13.64 -5.40 -16.35
N GLN F 153 -13.64 -6.57 -16.96
CA GLN F 153 -14.14 -6.71 -18.33
C GLN F 153 -14.88 -8.05 -18.48
N ASP F 154 -16.19 -7.99 -18.23
CA ASP F 154 -17.08 -9.15 -18.15
C ASP F 154 -17.66 -9.44 -19.53
N ASN F 155 -17.13 -10.47 -20.18
CA ASN F 155 -17.63 -10.90 -21.48
C ASN F 155 -18.22 -12.32 -21.41
N ASP F 156 -18.66 -12.75 -20.22
CA ASP F 156 -19.13 -14.12 -20.05
C ASP F 156 -20.62 -14.28 -20.32
N LEU F 157 -21.15 -15.48 -20.10
CA LEU F 157 -22.54 -15.72 -20.35
C LEU F 157 -23.32 -15.85 -19.05
N ASN F 158 -22.74 -15.37 -17.97
CA ASN F 158 -23.40 -15.38 -16.68
C ASN F 158 -24.02 -14.00 -16.39
N THR F 159 -25.16 -13.97 -15.70
CA THR F 159 -25.74 -12.68 -15.34
C THR F 159 -24.89 -11.92 -14.31
N GLY F 160 -24.05 -12.64 -13.57
CA GLY F 160 -23.09 -11.99 -12.70
C GLY F 160 -21.70 -12.00 -13.32
N ASN F 161 -20.70 -11.72 -12.50
CA ASN F 161 -19.30 -11.59 -12.94
C ASN F 161 -18.47 -12.84 -12.59
N CYS F 162 -18.31 -13.78 -13.54
CA CYS F 162 -17.58 -15.04 -13.28
C CYS F 162 -16.15 -14.90 -12.71
N ALA F 163 -15.39 -13.96 -13.25
CA ALA F 163 -14.04 -13.63 -12.83
C ALA F 163 -13.97 -13.27 -11.34
N VAL F 164 -14.95 -12.53 -10.88
CA VAL F 164 -15.07 -12.18 -9.46
C VAL F 164 -15.51 -13.38 -8.62
N MET F 165 -16.45 -14.17 -9.15
CA MET F 165 -17.06 -15.23 -8.37
C MET F 165 -16.09 -16.38 -8.18
N PHE F 166 -15.17 -16.54 -9.14
CA PHE F 166 -14.15 -17.58 -9.06
C PHE F 166 -12.72 -17.02 -9.02
N GLN F 167 -12.61 -15.74 -8.69
CA GLN F 167 -11.29 -15.09 -8.52
C GLN F 167 -10.19 -15.55 -9.50
N GLY F 168 -10.43 -15.32 -10.80
CA GLY F 168 -9.52 -15.70 -11.90
C GLY F 168 -9.73 -14.83 -13.15
N ALA F 169 -9.28 -15.34 -14.32
CA ALA F 169 -9.40 -14.67 -15.61
C ALA F 169 -9.31 -15.77 -16.63
N TRP F 170 -10.30 -15.85 -17.50
CA TRP F 170 -10.44 -17.02 -18.34
C TRP F 170 -11.50 -16.77 -19.38
N TRP F 171 -11.69 -17.75 -20.26
CA TRP F 171 -12.74 -17.68 -21.25
C TRP F 171 -14.05 -18.20 -20.63
N TYR F 172 -14.50 -17.51 -19.58
CA TYR F 172 -15.67 -17.94 -18.80
C TYR F 172 -16.94 -17.94 -19.61
N LYS F 173 -17.72 -19.02 -19.48
CA LYS F 173 -19.09 -19.03 -19.98
C LYS F 173 -20.07 -18.84 -18.82
N ASN F 174 -20.52 -19.94 -18.23
CA ASN F 174 -21.46 -19.86 -17.11
C ASN F 174 -21.35 -20.97 -16.08
N CYS F 175 -20.24 -21.03 -15.34
CA CYS F 175 -19.12 -20.10 -15.52
C CYS F 175 -17.93 -20.83 -16.14
N HIS F 176 -17.55 -21.95 -15.54
CA HIS F 176 -16.34 -22.63 -15.99
C HIS F 176 -16.24 -24.10 -15.64
N THR F 177 -15.31 -24.75 -16.33
CA THR F 177 -14.96 -26.13 -16.12
C THR F 177 -13.43 -26.22 -15.83
N SER F 178 -12.65 -25.22 -16.24
CA SER F 178 -11.24 -25.07 -15.84
C SER F 178 -11.00 -23.62 -15.41
N ASN F 179 -10.01 -23.40 -14.57
CA ASN F 179 -9.81 -22.07 -13.96
C ASN F 179 -8.35 -21.91 -13.56
N LEU F 180 -7.46 -22.14 -14.52
CA LEU F 180 -6.03 -22.25 -14.24
C LEU F 180 -5.37 -20.95 -13.77
N ASN F 181 -6.04 -19.82 -14.01
CA ASN F 181 -5.59 -18.52 -13.50
C ASN F 181 -6.33 -18.16 -12.21
N GLY F 182 -6.87 -19.18 -11.53
CA GLY F 182 -7.58 -19.00 -10.26
C GLY F 182 -6.63 -18.85 -9.09
N ARG F 183 -7.16 -18.82 -7.88
CA ARG F 183 -6.33 -18.56 -6.71
C ARG F 183 -5.44 -19.76 -6.41
N TYR F 184 -4.27 -19.50 -5.83
CA TYR F 184 -3.35 -20.58 -5.48
C TYR F 184 -3.72 -21.12 -4.10
N LEU F 185 -4.68 -22.05 -4.07
CA LEU F 185 -5.29 -22.46 -2.80
C LEU F 185 -4.67 -23.69 -2.13
N ARG F 186 -3.69 -24.33 -2.80
CA ARG F 186 -2.92 -25.39 -2.16
C ARG F 186 -3.71 -26.67 -1.81
N GLY F 187 -4.06 -27.47 -2.82
CA GLY F 187 -4.67 -28.77 -2.55
C GLY F 187 -6.18 -28.68 -2.38
N THR F 188 -6.76 -29.61 -1.63
CA THR F 188 -8.20 -29.61 -1.40
C THR F 188 -8.63 -28.31 -0.67
N HIS F 189 -9.72 -27.71 -1.16
CA HIS F 189 -10.32 -26.54 -0.52
C HIS F 189 -11.84 -26.69 -0.46
N GLY F 190 -12.42 -26.32 0.67
CA GLY F 190 -13.87 -26.28 0.81
C GLY F 190 -14.57 -25.36 -0.19
N SER F 191 -13.98 -24.20 -0.46
CA SER F 191 -14.61 -23.21 -1.31
C SER F 191 -14.77 -23.71 -2.75
N PHE F 192 -15.84 -23.29 -3.39
CA PHE F 192 -16.24 -23.87 -4.67
C PHE F 192 -15.60 -23.21 -5.89
N ALA F 193 -14.70 -23.98 -6.53
CA ALA F 193 -14.24 -23.71 -7.89
C ALA F 193 -13.45 -22.42 -8.12
N ASN F 194 -12.88 -21.85 -7.06
CA ASN F 194 -12.14 -20.60 -7.20
C ASN F 194 -10.64 -20.75 -7.07
N GLY F 195 -10.16 -21.99 -7.19
CA GLY F 195 -8.74 -22.28 -7.17
C GLY F 195 -8.23 -22.64 -8.55
N ILE F 196 -7.03 -23.21 -8.61
CA ILE F 196 -6.45 -23.65 -9.86
C ILE F 196 -7.07 -25.01 -10.17
N ASN F 197 -8.26 -24.96 -10.75
CA ASN F 197 -9.12 -26.14 -10.88
C ASN F 197 -9.25 -26.62 -12.31
N TRP F 198 -9.38 -27.93 -12.45
CA TRP F 198 -9.61 -28.58 -13.74
C TRP F 198 -10.64 -29.66 -13.42
N LYS F 199 -11.90 -29.40 -13.76
CA LYS F 199 -12.99 -30.27 -13.31
C LYS F 199 -12.76 -31.76 -13.56
N SER F 200 -12.48 -32.13 -14.80
CA SER F 200 -12.24 -33.52 -15.15
C SER F 200 -10.98 -34.08 -14.46
N GLY F 201 -10.14 -33.19 -13.93
CA GLY F 201 -8.93 -33.62 -13.24
C GLY F 201 -9.18 -33.92 -11.78
N LYS F 202 -8.76 -33.03 -10.90
CA LYS F 202 -8.92 -33.27 -9.48
C LYS F 202 -10.19 -32.59 -8.96
N GLY F 203 -10.94 -31.96 -9.86
CA GLY F 203 -12.24 -31.44 -9.52
C GLY F 203 -12.27 -29.97 -9.12
N TYR F 204 -13.46 -29.54 -8.72
CA TYR F 204 -13.76 -28.14 -8.40
C TYR F 204 -13.28 -27.72 -7.00
N ASN F 205 -12.79 -28.68 -6.22
CA ASN F 205 -12.36 -28.43 -4.86
C ASN F 205 -10.89 -28.82 -4.64
N TYR F 206 -10.14 -28.92 -5.73
CA TYR F 206 -8.71 -29.18 -5.59
C TYR F 206 -7.85 -28.27 -6.48
N SER F 207 -6.94 -27.53 -5.85
CA SER F 207 -6.08 -26.56 -6.53
C SER F 207 -4.66 -27.11 -6.70
N TYR F 208 -4.19 -27.22 -7.95
CA TYR F 208 -2.91 -27.88 -8.25
C TYR F 208 -1.67 -27.13 -7.74
N LYS F 209 -0.58 -27.86 -7.54
CA LYS F 209 0.70 -27.25 -7.16
C LYS F 209 1.34 -26.54 -8.34
N VAL F 210 1.31 -27.19 -9.50
CA VAL F 210 1.92 -26.68 -10.68
C VAL F 210 0.95 -26.74 -11.83
N SER F 211 0.90 -25.66 -12.61
CA SER F 211 0.12 -25.62 -13.82
C SER F 211 0.95 -24.95 -14.93
N GLU F 212 0.93 -25.53 -16.12
CA GLU F 212 1.61 -24.92 -17.27
C GLU F 212 0.81 -25.07 -18.55
N MET F 213 0.68 -23.96 -19.29
CA MET F 213 0.05 -23.99 -20.61
C MET F 213 1.07 -23.62 -21.67
N LYS F 214 1.19 -24.46 -22.70
CA LYS F 214 2.25 -24.31 -23.69
C LYS F 214 1.85 -24.66 -25.12
N VAL F 215 2.56 -24.07 -26.10
CA VAL F 215 2.25 -24.28 -27.52
C VAL F 215 3.46 -24.72 -28.34
N ARG F 216 3.17 -25.41 -29.44
CA ARG F 216 4.20 -25.91 -30.34
C ARG F 216 3.60 -26.04 -31.73
N PRO F 217 4.37 -25.69 -32.78
CA PRO F 217 3.88 -25.86 -34.14
C PRO F 217 3.54 -27.32 -34.35
N ALA F 218 2.37 -27.60 -34.90
CA ALA F 218 1.87 -28.96 -34.99
C ALA F 218 2.44 -29.66 -36.22
#